data_4DTX
#
_entry.id   4DTX
#
_cell.length_a   75.414
_cell.length_b   120.208
_cell.length_c   131.619
_cell.angle_alpha   90.00
_cell.angle_beta   90.00
_cell.angle_gamma   90.00
#
_symmetry.space_group_name_H-M   'P 21 21 21'
#
loop_
_entity.id
_entity.type
_entity.pdbx_description
1 polymer 'DNA polymerase'
2 polymer 'DNA tempalte'
3 polymer 'DNA primer'
4 non-polymer "THYMIDINE-5'-TRIPHOSPHATE"
5 non-polymer 'CALCIUM ION'
6 water water
#
loop_
_entity_poly.entity_id
_entity_poly.type
_entity_poly.pdbx_seq_one_letter_code
_entity_poly.pdbx_strand_id
1 'polypeptide(L)'
;MKEFYLTVEQIGDSIFERYIDSNGRERTREVEYKPSLFAHCPESQATKYFDIYGKPCTRKLFANMRDASQWIKRMEDIGL
EALGMDDFKLAYLSDTYNYEIKYDHTKIRVANFDIEVTSPDGFPEPSQAKHPIDAITHYDSIDDRFYVFDLLNSPYGNVE
EWSIEIAAKLQEQGGDEVPSEIIDKIIYMPFDNEKELLMEYLNFWQQKTPVILTGWNVESFAIPYVYNRIKNIFGESTAK
RLSPHRKTRVKVIENMYGSREIITLFGISVLDYIDLYKKFSFTNQPSYSLDYISEFELNVGKLKYDGPISKLRESNHQRY
ISYNIIAVYRVLQIDAKRQFINLSLDMGYYAKIQIQSVFSPIKTWDAIIFNSLKEQNKVIPQGRSHPVQPYPGAFVKEPI
PNRYKYVMSFDLTSLYPSIIRQVNISPETIAGTFKVAPLHDYINAVAERPSDVYSCSPNGMMYYKDRDGVVPTEITKVFN
QRKEHKGYMLAAQRNGEIIKEALHNPNLSVDEPLDVDYRFDFSDEIKEKIKKLSAKSLNEMLFRAQRTEVAGMTAQINRK
ALINGLAGALGNVWFRYYDLRNATAITTFGQMALQWIERKVNEYLNEVCGTEGEAFVLYGDTDSIYVSADKIIDKVGESK
FRDTNHWVDFLDKFARERMEPAIDRGFREMCEYMNNKQHLMFMDREAIAGPPLGSKGIGGFWTGKKRYALNVWDMEGTRY
AEPKLKIMGLETQKSSTPKAVQKALKECIRRMLQEGEESLQEYFKEFEKEFRQLNYISIASVSSANNIAKYDVGGFPGPK
CPFHIRGILTYNRAIKGNIDAPQVVEGEKVYVLPLREGNPFGDKCIAWPSGTEITDLIKDDVLHWMDYTVLLEKTFIKPL
EGFTSAAKLDYEKKASLFDMFDF
;
A
2 'polydeoxyribonucleotide' (DT)(DC)(DG)(3DR)(DG)(DT)(DA)(DA)(DG)(DC)(DA)(DG)(DT)(DC)(DC)(DG)(DC)(DG) T
3 'polydeoxyribonucleotide' (DG)(DC)(DG)(DG)(DA)(DC)(DT)(DG)(DC)(DT)(DT)(DA)(DOC) P
#
loop_
_chem_comp.id
_chem_comp.type
_chem_comp.name
_chem_comp.formula
3DR DNA linking 1',2'-DIDEOXYRIBOFURANOSE-5'-PHOSPHATE 'C5 H11 O6 P'
CA non-polymer 'CALCIUM ION' 'Ca 2'
DA DNA linking 2'-DEOXYADENOSINE-5'-MONOPHOSPHATE 'C10 H14 N5 O6 P'
DC DNA linking 2'-DEOXYCYTIDINE-5'-MONOPHOSPHATE 'C9 H14 N3 O7 P'
DG DNA linking 2'-DEOXYGUANOSINE-5'-MONOPHOSPHATE 'C10 H14 N5 O7 P'
DOC DNA linking 2',3'-DIDEOXYCYTIDINE-5'-MONOPHOSPHATE 'C9 H14 N3 O6 P'
DT DNA linking THYMIDINE-5'-MONOPHOSPHATE 'C10 H15 N2 O8 P'
TTP non-polymer THYMIDINE-5'-TRIPHOSPHATE 'C10 H17 N2 O14 P3'
#
# COMPACT_ATOMS: atom_id res chain seq x y z
N MET A 1 34.15 7.80 6.23
CA MET A 1 32.69 7.69 6.47
C MET A 1 32.41 6.64 7.55
N LYS A 2 31.22 6.72 8.14
CA LYS A 2 30.78 5.71 9.10
C LYS A 2 30.43 4.43 8.33
N GLU A 3 30.79 3.28 8.90
CA GLU A 3 30.51 2.02 8.21
C GLU A 3 29.03 1.65 8.34
N PHE A 4 28.54 0.87 7.38
CA PHE A 4 27.18 0.33 7.48
C PHE A 4 27.06 -1.05 6.83
N TYR A 5 26.19 -1.90 7.37
CA TYR A 5 25.98 -3.22 6.81
C TYR A 5 25.24 -3.16 5.47
N LEU A 6 25.44 -4.20 4.65
CA LEU A 6 24.64 -4.41 3.45
C LEU A 6 23.70 -5.58 3.68
N THR A 7 24.26 -6.72 4.04
CA THR A 7 23.48 -7.93 4.33
C THR A 7 24.10 -8.66 5.51
N VAL A 8 23.28 -9.46 6.20
CA VAL A 8 23.80 -10.26 7.30
C VAL A 8 23.10 -11.62 7.28
N GLU A 9 23.83 -12.69 7.60
CA GLU A 9 23.23 -14.02 7.67
C GLU A 9 23.86 -14.81 8.80
N GLN A 10 23.08 -15.73 9.38
CA GLN A 10 23.66 -16.76 10.24
C GLN A 10 23.79 -18.06 9.45
N ILE A 11 25.00 -18.61 9.41
CA ILE A 11 25.24 -19.92 8.82
C ILE A 11 25.97 -20.78 9.85
N GLY A 12 25.23 -21.67 10.51
CA GLY A 12 25.78 -22.44 11.63
C GLY A 12 26.30 -21.51 12.71
N ASP A 13 27.57 -21.65 13.06
CA ASP A 13 28.15 -20.85 14.14
C ASP A 13 28.80 -19.55 13.69
N SER A 14 28.56 -19.17 12.44
CA SER A 14 29.14 -17.94 11.89
C SER A 14 28.09 -16.93 11.45
N ILE A 15 28.42 -15.65 11.65
CA ILE A 15 27.71 -14.57 11.01
C ILE A 15 28.50 -14.21 9.77
N PHE A 16 27.83 -14.23 8.61
CA PHE A 16 28.41 -13.73 7.37
C PHE A 16 27.82 -12.35 7.08
N GLU A 17 28.69 -11.36 6.96
CA GLU A 17 28.24 -9.99 6.79
C GLU A 17 28.89 -9.38 5.56
N ARG A 18 28.08 -8.76 4.71
CA ARG A 18 28.62 -7.89 3.68
C ARG A 18 28.41 -6.48 4.17
N TYR A 19 29.42 -5.62 3.99
CA TYR A 19 29.32 -4.25 4.51
C TYR A 19 30.14 -3.27 3.70
N ILE A 20 29.89 -1.99 3.93
CA ILE A 20 30.70 -0.90 3.38
C ILE A 20 31.63 -0.41 4.50
N ASP A 21 32.94 -0.42 4.25
CA ASP A 21 33.91 -0.05 5.30
C ASP A 21 34.09 1.47 5.40
N SER A 22 34.96 1.92 6.29
CA SER A 22 35.14 3.36 6.53
C SER A 22 35.68 4.11 5.32
N ASN A 23 36.21 3.38 4.34
CA ASN A 23 36.74 3.98 3.12
C ASN A 23 35.77 3.91 1.96
N GLY A 24 34.58 3.40 2.22
CA GLY A 24 33.55 3.30 1.18
C GLY A 24 33.66 2.07 0.30
N ARG A 25 34.46 1.09 0.71
CA ARG A 25 34.61 -0.15 -0.08
C ARG A 25 33.68 -1.25 0.40
N GLU A 26 33.18 -2.06 -0.54
CA GLU A 26 32.41 -3.26 -0.16
C GLU A 26 33.36 -4.37 0.30
N ARG A 27 33.07 -4.93 1.46
CA ARG A 27 33.83 -6.04 2.03
C ARG A 27 32.91 -7.17 2.49
N THR A 28 33.49 -8.33 2.75
CA THR A 28 32.74 -9.43 3.36
C THR A 28 33.57 -9.97 4.50
N ARG A 29 32.90 -10.35 5.58
CA ARG A 29 33.58 -11.00 6.69
C ARG A 29 32.76 -12.13 7.31
N GLU A 30 33.46 -13.10 7.87
CA GLU A 30 32.85 -14.17 8.64
C GLU A 30 33.27 -13.98 10.09
N VAL A 31 32.29 -13.88 10.99
CA VAL A 31 32.58 -13.61 12.40
C VAL A 31 32.00 -14.71 13.28
N GLU A 32 32.82 -15.25 14.17
CA GLU A 32 32.39 -16.29 15.11
C GLU A 32 31.75 -15.61 16.33
N TYR A 33 30.56 -15.07 16.10
CA TYR A 33 29.87 -14.23 17.06
C TYR A 33 29.42 -15.05 18.27
N LYS A 34 29.80 -14.59 19.46
CA LYS A 34 29.37 -15.22 20.69
C LYS A 34 28.15 -14.46 21.23
N PRO A 35 26.96 -15.06 21.16
CA PRO A 35 25.78 -14.32 21.59
C PRO A 35 25.59 -14.38 23.12
N SER A 36 24.83 -13.44 23.65
CA SER A 36 24.42 -13.45 25.05
C SER A 36 22.93 -13.56 25.20
N LEU A 37 22.50 -14.34 26.20
CA LEU A 37 21.10 -14.36 26.60
C LEU A 37 21.04 -14.16 28.12
N PHE A 38 19.85 -14.19 28.70
CA PHE A 38 19.67 -13.75 30.08
C PHE A 38 18.73 -14.66 30.85
N ALA A 39 19.00 -14.81 32.14
CA ALA A 39 18.09 -15.46 33.07
C ALA A 39 17.83 -14.54 34.26
N HIS A 40 16.65 -14.65 34.87
CA HIS A 40 16.35 -13.92 36.11
C HIS A 40 17.30 -14.39 37.18
N CYS A 41 17.72 -13.48 38.06
CA CYS A 41 18.62 -13.85 39.14
C CYS A 41 18.15 -13.28 40.49
N PRO A 42 18.76 -13.73 41.62
CA PRO A 42 18.32 -13.24 42.94
C PRO A 42 18.54 -11.75 43.14
N GLU A 43 17.64 -11.14 43.92
CA GLU A 43 17.65 -9.70 44.21
C GLU A 43 18.95 -9.26 44.88
N SER A 44 19.56 -10.17 45.63
CA SER A 44 20.79 -9.91 46.36
C SER A 44 22.03 -10.22 45.51
N GLN A 45 21.96 -9.90 44.23
CA GLN A 45 23.07 -10.16 43.32
C GLN A 45 23.29 -8.98 42.39
N ALA A 46 24.48 -8.38 42.48
CA ALA A 46 24.86 -7.20 41.71
C ALA A 46 24.83 -7.46 40.20
N THR A 47 23.96 -6.74 39.52
CA THR A 47 23.92 -6.76 38.06
C THR A 47 23.58 -5.36 37.55
N LYS A 48 23.92 -5.10 36.30
CA LYS A 48 23.45 -3.89 35.64
C LYS A 48 22.32 -4.18 34.66
N TYR A 49 21.98 -5.46 34.49
CA TYR A 49 20.89 -5.84 33.55
C TYR A 49 19.57 -6.07 34.28
N PHE A 50 18.52 -5.41 33.80
CA PHE A 50 17.17 -5.58 34.34
C PHE A 50 16.16 -5.83 33.22
N ASP A 51 15.17 -6.67 33.48
CA ASP A 51 14.09 -6.88 32.52
C ASP A 51 13.18 -5.64 32.50
N ILE A 52 12.17 -5.63 31.64
CA ILE A 52 11.39 -4.41 31.44
C ILE A 52 10.54 -4.03 32.64
N TYR A 53 10.36 -4.98 33.55
CA TYR A 53 9.59 -4.81 34.78
C TYR A 53 10.48 -4.48 35.99
N GLY A 54 11.77 -4.33 35.76
CA GLY A 54 12.73 -3.97 36.80
C GLY A 54 13.32 -5.12 37.61
N LYS A 55 13.05 -6.36 37.19
CA LYS A 55 13.64 -7.52 37.88
C LYS A 55 15.05 -7.80 37.34
N PRO A 56 16.01 -8.08 38.25
CA PRO A 56 17.41 -8.30 37.87
C PRO A 56 17.63 -9.56 37.06
N CYS A 57 18.60 -9.51 36.16
CA CYS A 57 18.97 -10.61 35.29
C CYS A 57 20.48 -10.82 35.22
N THR A 58 20.90 -12.07 35.08
CA THR A 58 22.30 -12.37 34.81
CA THR A 58 22.30 -12.37 34.81
C THR A 58 22.53 -12.63 33.31
N ARG A 59 23.63 -12.13 32.78
CA ARG A 59 23.98 -12.36 31.39
C ARG A 59 24.72 -13.67 31.24
N LYS A 60 24.29 -14.47 30.27
CA LYS A 60 24.97 -15.71 29.93
C LYS A 60 25.62 -15.61 28.57
N LEU A 61 26.95 -15.75 28.54
CA LEU A 61 27.70 -15.64 27.29
C LEU A 61 27.99 -17.04 26.75
N PHE A 62 27.62 -17.30 25.50
CA PHE A 62 27.79 -18.64 24.95
C PHE A 62 29.03 -18.76 24.06
N ALA A 63 29.61 -19.96 23.99
CA ALA A 63 30.79 -20.22 23.18
C ALA A 63 30.48 -20.11 21.69
N ASN A 64 29.20 -20.28 21.34
CA ASN A 64 28.74 -20.18 19.95
C ASN A 64 27.22 -20.14 19.88
N MET A 65 26.69 -19.85 18.68
CA MET A 65 25.26 -19.64 18.53
C MET A 65 24.43 -20.91 18.72
N ARG A 66 25.00 -22.06 18.33
CA ARG A 66 24.32 -23.34 18.54
C ARG A 66 24.14 -23.64 20.02
N ASP A 67 25.17 -23.35 20.83
CA ASP A 67 25.07 -23.49 22.29
C ASP A 67 23.95 -22.63 22.86
N ALA A 68 23.81 -21.40 22.37
CA ALA A 68 22.74 -20.50 22.82
C ALA A 68 21.34 -21.05 22.48
N SER A 69 21.18 -21.52 21.25
CA SER A 69 19.93 -22.13 20.81
C SER A 69 19.55 -23.36 21.64
N GLN A 70 20.53 -24.20 21.92
CA GLN A 70 20.29 -25.39 22.73
C GLN A 70 19.91 -25.04 24.16
N TRP A 71 20.46 -23.94 24.67
CA TRP A 71 20.12 -23.48 26.02
C TRP A 71 18.68 -23.04 26.09
N ILE A 72 18.22 -22.28 25.10
CA ILE A 72 16.80 -21.89 25.01
C ILE A 72 15.91 -23.13 25.10
N LYS A 73 16.23 -24.16 24.32
CA LYS A 73 15.44 -25.41 24.34
C LYS A 73 15.39 -26.06 25.73
N ARG A 74 16.54 -26.16 26.40
CA ARG A 74 16.60 -26.71 27.75
C ARG A 74 15.84 -25.87 28.78
N MET A 75 15.89 -24.55 28.64
CA MET A 75 15.11 -23.66 29.51
C MET A 75 13.61 -23.93 29.37
N GLU A 76 13.16 -24.17 28.14
CA GLU A 76 11.78 -24.62 27.90
C GLU A 76 11.50 -25.97 28.57
N ASP A 77 12.44 -26.91 28.43
CA ASP A 77 12.33 -28.21 29.10
C ASP A 77 12.22 -28.10 30.64
N ILE A 78 12.89 -27.10 31.21
CA ILE A 78 12.86 -26.86 32.65
C ILE A 78 11.59 -26.10 33.04
N GLY A 79 11.18 -25.18 32.16
CA GLY A 79 9.99 -24.36 32.39
C GLY A 79 10.33 -22.97 32.90
N LEU A 80 11.43 -22.41 32.40
CA LEU A 80 11.90 -21.10 32.83
C LEU A 80 12.08 -20.16 31.66
N GLU A 81 11.86 -18.87 31.88
CA GLU A 81 12.00 -17.88 30.83
C GLU A 81 13.46 -17.72 30.39
N ALA A 82 13.69 -17.82 29.09
CA ALA A 82 14.99 -17.54 28.50
C ALA A 82 14.90 -16.15 27.85
N LEU A 83 15.47 -15.14 28.49
CA LEU A 83 15.33 -13.74 28.04
C LEU A 83 16.41 -13.28 27.05
N GLY A 84 16.09 -12.25 26.26
CA GLY A 84 17.04 -11.68 25.31
C GLY A 84 16.69 -11.92 23.84
N MET A 85 17.47 -11.30 22.95
CA MET A 85 17.28 -11.39 21.50
C MET A 85 17.73 -12.74 20.94
N ASP A 86 16.74 -13.57 20.60
CA ASP A 86 16.99 -14.96 20.17
C ASP A 86 17.32 -15.02 18.67
N ASP A 87 17.05 -13.94 17.94
CA ASP A 87 17.49 -13.80 16.56
C ASP A 87 18.89 -13.17 16.58
N PHE A 88 19.90 -14.04 16.55
CA PHE A 88 21.27 -13.62 16.85
C PHE A 88 21.84 -12.61 15.86
N LYS A 89 21.38 -12.65 14.62
CA LYS A 89 21.88 -11.64 13.67
C LYS A 89 21.43 -10.23 14.00
N LEU A 90 20.24 -10.07 14.60
CA LEU A 90 19.81 -8.75 15.06
C LEU A 90 20.68 -8.25 16.22
N ALA A 91 21.08 -9.18 17.10
CA ALA A 91 21.98 -8.84 18.21
C ALA A 91 23.36 -8.47 17.68
N TYR A 92 23.83 -9.23 16.69
CA TYR A 92 25.10 -8.90 16.05
C TYR A 92 25.08 -7.48 15.47
N LEU A 93 24.02 -7.14 14.72
CA LEU A 93 23.94 -5.79 14.14
C LEU A 93 23.89 -4.71 15.23
N SER A 94 23.17 -5.00 16.32
CA SER A 94 23.08 -4.07 17.42
C SER A 94 24.43 -3.78 18.10
N ASP A 95 25.25 -4.81 18.24
CA ASP A 95 26.62 -4.69 18.80
C ASP A 95 27.60 -4.02 17.83
N THR A 96 27.46 -4.32 16.55
CA THR A 96 28.41 -3.86 15.52
C THR A 96 28.10 -2.43 15.05
N TYR A 97 26.83 -2.05 15.05
CA TYR A 97 26.39 -0.71 14.62
C TYR A 97 25.61 -0.04 15.74
N ASN A 98 26.33 0.27 16.82
CA ASN A 98 25.71 0.86 18.00
C ASN A 98 25.66 2.40 17.90
N TYR A 99 24.95 2.89 16.89
CA TYR A 99 24.76 4.32 16.62
C TYR A 99 23.67 4.42 15.55
N GLU A 100 23.15 5.62 15.32
CA GLU A 100 22.18 5.78 14.24
C GLU A 100 22.89 5.60 12.91
N ILE A 101 22.45 4.63 12.12
CA ILE A 101 23.10 4.32 10.85
C ILE A 101 22.88 5.43 9.83
N LYS A 102 23.98 5.91 9.27
CA LYS A 102 23.93 6.84 8.16
C LYS A 102 24.45 6.04 6.96
N TYR A 103 23.56 5.79 5.99
CA TYR A 103 23.93 4.99 4.83
C TYR A 103 24.05 5.85 3.57
N ASP A 104 24.80 5.34 2.59
CA ASP A 104 25.06 6.04 1.33
C ASP A 104 24.55 5.14 0.22
N HIS A 105 23.38 5.45 -0.34
CA HIS A 105 22.75 4.58 -1.33
C HIS A 105 23.59 4.35 -2.57
N THR A 106 24.48 5.30 -2.89
CA THR A 106 25.32 5.20 -4.08
C THR A 106 26.34 4.04 -4.03
N LYS A 107 26.58 3.53 -2.82
CA LYS A 107 27.52 2.41 -2.58
C LYS A 107 26.80 1.06 -2.51
N ILE A 108 25.47 1.09 -2.52
CA ILE A 108 24.67 -0.13 -2.41
C ILE A 108 24.32 -0.66 -3.80
N ARG A 109 24.71 -1.88 -4.10
CA ARG A 109 24.45 -2.43 -5.45
C ARG A 109 23.02 -2.93 -5.56
N VAL A 110 22.20 -2.17 -6.29
CA VAL A 110 20.81 -2.55 -6.51
C VAL A 110 20.68 -3.11 -7.91
N ALA A 111 20.26 -4.37 -8.02
CA ALA A 111 20.12 -5.00 -9.32
C ALA A 111 18.65 -5.24 -9.66
N ASN A 112 18.30 -4.91 -10.89
CA ASN A 112 16.96 -5.07 -11.46
CA ASN A 112 16.97 -5.10 -11.42
C ASN A 112 17.10 -6.01 -12.66
N PHE A 113 16.46 -7.18 -12.61
CA PHE A 113 16.57 -8.10 -13.76
C PHE A 113 15.28 -8.73 -14.24
N ASP A 114 15.33 -9.28 -15.45
CA ASP A 114 14.19 -10.00 -16.04
C ASP A 114 14.71 -11.06 -16.99
N ILE A 115 14.05 -12.23 -17.02
CA ILE A 115 14.47 -13.29 -17.95
C ILE A 115 13.36 -13.61 -18.95
N GLU A 116 13.75 -14.16 -20.10
CA GLU A 116 12.79 -14.72 -21.06
C GLU A 116 13.04 -16.21 -21.23
N VAL A 117 11.96 -16.97 -21.38
CA VAL A 117 12.01 -18.42 -21.54
C VAL A 117 10.93 -18.83 -22.54
N THR A 118 11.35 -19.26 -23.74
CA THR A 118 10.39 -19.73 -24.75
C THR A 118 9.86 -21.11 -24.32
N SER A 119 8.53 -21.28 -24.34
CA SER A 119 7.91 -22.53 -23.95
C SER A 119 6.71 -22.88 -24.84
N PRO A 120 6.80 -23.97 -25.62
CA PRO A 120 5.69 -24.39 -26.49
C PRO A 120 4.48 -24.96 -25.72
N ASP A 121 4.77 -25.69 -24.64
CA ASP A 121 3.72 -26.44 -23.93
C ASP A 121 3.21 -25.77 -22.64
N GLY A 122 2.89 -24.48 -22.74
CA GLY A 122 2.30 -23.75 -21.63
C GLY A 122 3.30 -22.95 -20.82
N PHE A 123 2.90 -22.60 -19.61
CA PHE A 123 3.73 -21.81 -18.70
C PHE A 123 4.97 -22.61 -18.27
N PRO A 124 6.17 -22.00 -18.36
CA PRO A 124 7.40 -22.69 -17.95
C PRO A 124 7.57 -22.71 -16.42
N GLU A 125 7.25 -23.85 -15.80
CA GLU A 125 7.30 -23.99 -14.34
C GLU A 125 8.73 -23.88 -13.78
N PRO A 126 8.95 -22.90 -12.90
CA PRO A 126 10.31 -22.68 -12.36
C PRO A 126 10.89 -23.89 -11.61
N SER A 127 10.05 -24.71 -10.99
CA SER A 127 10.56 -25.87 -10.25
C SER A 127 11.04 -26.99 -11.18
N GLN A 128 10.56 -26.99 -12.42
CA GLN A 128 10.99 -27.94 -13.43
C GLN A 128 12.17 -27.40 -14.25
N ALA A 129 12.08 -26.12 -14.61
CA ALA A 129 13.04 -25.44 -15.49
C ALA A 129 13.51 -26.27 -16.69
N LYS A 130 12.55 -26.73 -17.50
CA LYS A 130 12.86 -27.67 -18.57
C LYS A 130 13.14 -27.02 -19.93
N HIS A 131 13.02 -25.70 -20.01
CA HIS A 131 13.25 -24.96 -21.25
C HIS A 131 14.43 -24.02 -21.12
N PRO A 132 15.17 -23.80 -22.23
CA PRO A 132 16.30 -22.86 -22.19
C PRO A 132 15.93 -21.45 -21.75
N ILE A 133 16.83 -20.82 -21.00
CA ILE A 133 16.73 -19.38 -20.76
C ILE A 133 17.32 -18.70 -22.00
N ASP A 134 16.51 -17.95 -22.74
CA ASP A 134 16.99 -17.38 -24.00
C ASP A 134 17.26 -15.86 -24.01
N ALA A 135 16.99 -15.20 -22.88
CA ALA A 135 17.40 -13.80 -22.70
C ALA A 135 17.44 -13.44 -21.22
N ILE A 136 18.46 -12.68 -20.82
CA ILE A 136 18.50 -12.02 -19.51
C ILE A 136 18.89 -10.55 -19.69
N THR A 137 18.09 -9.63 -19.12
CA THR A 137 18.52 -8.23 -18.98
C THR A 137 18.69 -7.93 -17.50
N HIS A 138 19.88 -7.43 -17.15
CA HIS A 138 20.27 -7.22 -15.76
C HIS A 138 20.82 -5.82 -15.66
N TYR A 139 20.08 -4.93 -14.98
CA TYR A 139 20.52 -3.54 -14.75
C TYR A 139 21.22 -3.44 -13.40
N ASP A 140 22.39 -2.78 -13.38
CA ASP A 140 23.19 -2.60 -12.20
C ASP A 140 23.22 -1.13 -11.83
N SER A 141 22.83 -0.78 -10.60
CA SER A 141 22.71 0.63 -10.22
C SER A 141 24.05 1.34 -10.04
N ILE A 142 25.10 0.60 -9.72
CA ILE A 142 26.43 1.19 -9.54
C ILE A 142 27.05 1.52 -10.91
N ASP A 143 26.95 0.60 -11.86
CA ASP A 143 27.42 0.85 -13.23
C ASP A 143 26.47 1.77 -14.00
N ASP A 144 25.19 1.75 -13.64
CA ASP A 144 24.14 2.40 -14.42
C ASP A 144 24.16 1.88 -15.87
N ARG A 145 24.17 0.55 -15.99
CA ARG A 145 24.18 -0.11 -17.30
C ARG A 145 23.18 -1.27 -17.32
N PHE A 146 22.60 -1.50 -18.49
CA PHE A 146 21.75 -2.66 -18.75
C PHE A 146 22.60 -3.71 -19.45
N TYR A 147 22.84 -4.83 -18.76
CA TYR A 147 23.61 -5.92 -19.33
C TYR A 147 22.66 -6.93 -19.98
N VAL A 148 22.81 -7.11 -21.28
CA VAL A 148 21.86 -7.95 -22.04
C VAL A 148 22.54 -9.24 -22.50
N PHE A 149 22.02 -10.39 -22.05
CA PHE A 149 22.55 -11.71 -22.40
C PHE A 149 21.55 -12.38 -23.33
N ASP A 150 21.95 -12.60 -24.59
CA ASP A 150 21.02 -12.99 -25.65
C ASP A 150 21.40 -14.35 -26.28
N LEU A 151 20.52 -15.33 -26.17
CA LEU A 151 20.76 -16.67 -26.74
C LEU A 151 20.37 -16.77 -28.23
N LEU A 152 21.36 -16.92 -29.09
CA LEU A 152 21.10 -16.96 -30.54
C LEU A 152 20.74 -18.33 -31.09
N ASN A 153 21.19 -19.39 -30.42
CA ASN A 153 20.94 -20.77 -30.86
C ASN A 153 20.23 -21.57 -29.80
N SER A 154 19.08 -22.11 -30.16
CA SER A 154 18.21 -22.83 -29.24
C SER A 154 17.57 -24.01 -29.97
N PRO A 155 17.16 -25.06 -29.23
CA PRO A 155 16.35 -26.10 -29.88
C PRO A 155 15.01 -25.57 -30.41
N TYR A 156 14.61 -24.37 -29.95
CA TYR A 156 13.38 -23.73 -30.45
C TYR A 156 13.65 -22.65 -31.49
N GLY A 157 14.86 -22.62 -32.04
CA GLY A 157 15.17 -21.78 -33.20
C GLY A 157 16.51 -21.07 -33.11
N ASN A 158 17.17 -20.97 -34.26
CA ASN A 158 18.35 -20.14 -34.39
C ASN A 158 17.98 -18.77 -34.93
N VAL A 159 18.49 -17.72 -34.29
CA VAL A 159 18.14 -16.34 -34.65
C VAL A 159 19.37 -15.47 -34.93
N GLU A 160 19.14 -14.29 -35.51
CA GLU A 160 20.19 -13.31 -35.73
C GLU A 160 20.34 -12.41 -34.51
N GLU A 161 21.49 -11.76 -34.39
CA GLU A 161 21.74 -10.79 -33.31
C GLU A 161 20.72 -9.66 -33.30
N TRP A 162 20.40 -9.18 -32.11
CA TRP A 162 19.57 -7.98 -31.94
C TRP A 162 20.32 -6.77 -32.39
N SER A 163 19.60 -5.83 -33.02
CA SER A 163 20.18 -4.58 -33.51
C SER A 163 19.76 -3.39 -32.65
N ILE A 164 20.75 -2.72 -32.05
CA ILE A 164 20.50 -1.50 -31.26
C ILE A 164 19.96 -0.34 -32.13
N GLU A 165 20.35 -0.33 -33.40
CA GLU A 165 19.91 0.69 -34.34
C GLU A 165 18.41 0.61 -34.62
N ILE A 166 17.92 -0.59 -34.89
CA ILE A 166 16.48 -0.80 -35.06
C ILE A 166 15.72 -0.61 -33.74
N ALA A 167 16.31 -1.05 -32.63
CA ALA A 167 15.70 -0.89 -31.32
C ALA A 167 15.35 0.56 -31.01
N ALA A 168 16.25 1.46 -31.41
CA ALA A 168 16.11 2.90 -31.14
C ALA A 168 15.03 3.56 -31.99
N LYS A 169 14.78 3.04 -33.18
CA LYS A 169 13.85 3.67 -34.14
C LYS A 169 12.42 3.72 -33.61
N LEU A 170 11.65 4.70 -34.10
CA LEU A 170 10.22 4.77 -33.79
C LEU A 170 9.52 3.49 -34.26
N GLN A 171 8.42 3.12 -33.59
CA GLN A 171 7.62 1.98 -34.03
C GLN A 171 7.10 2.19 -35.45
N GLU A 172 6.89 3.47 -35.80
CA GLU A 172 6.48 3.87 -37.15
C GLU A 172 7.59 3.76 -38.21
N GLN A 173 8.83 3.56 -37.77
CA GLN A 173 9.94 3.22 -38.66
C GLN A 173 10.20 1.72 -38.65
N GLY A 174 9.33 0.97 -37.96
CA GLY A 174 9.54 -0.47 -37.78
C GLY A 174 10.44 -0.80 -36.60
N GLY A 175 10.75 0.20 -35.79
CA GLY A 175 11.61 0.01 -34.62
C GLY A 175 10.86 -0.39 -33.37
N ASP A 176 11.58 -0.46 -32.24
CA ASP A 176 10.98 -0.91 -30.99
C ASP A 176 10.80 0.21 -29.98
N GLU A 177 11.27 1.40 -30.33
CA GLU A 177 11.25 2.57 -29.44
C GLU A 177 11.81 2.32 -28.05
N VAL A 178 12.99 1.71 -27.98
CA VAL A 178 13.73 1.66 -26.74
C VAL A 178 14.12 3.12 -26.43
N PRO A 179 13.73 3.64 -25.24
CA PRO A 179 13.88 5.06 -24.91
C PRO A 179 15.31 5.54 -25.14
N SER A 180 15.44 6.69 -25.79
CA SER A 180 16.75 7.21 -26.17
C SER A 180 17.68 7.41 -24.99
N GLU A 181 17.12 7.71 -23.81
CA GLU A 181 17.92 7.97 -22.62
C GLU A 181 18.62 6.74 -22.02
N ILE A 182 18.25 5.54 -22.47
CA ILE A 182 18.96 4.31 -22.06
C ILE A 182 19.79 3.65 -23.17
N ILE A 183 19.62 4.11 -24.41
CA ILE A 183 20.33 3.52 -25.56
C ILE A 183 21.85 3.38 -25.34
N ASP A 184 22.48 4.47 -24.92
CA ASP A 184 23.93 4.47 -24.66
C ASP A 184 24.35 3.68 -23.42
N LYS A 185 23.37 3.20 -22.65
CA LYS A 185 23.65 2.46 -21.41
C LYS A 185 23.49 0.93 -21.56
N ILE A 186 23.24 0.46 -22.77
CA ILE A 186 23.07 -0.97 -23.02
C ILE A 186 24.39 -1.65 -23.41
N ILE A 187 24.68 -2.77 -22.76
CA ILE A 187 25.87 -3.56 -23.05
C ILE A 187 25.37 -4.92 -23.53
N TYR A 188 25.48 -5.16 -24.83
CA TYR A 188 24.87 -6.31 -25.48
C TYR A 188 25.83 -7.47 -25.71
N MET A 189 25.46 -8.66 -25.24
CA MET A 189 26.30 -9.84 -25.35
C MET A 189 25.54 -11.02 -25.92
N PRO A 190 25.80 -11.38 -27.20
CA PRO A 190 25.13 -12.55 -27.77
C PRO A 190 25.90 -13.86 -27.51
N PHE A 191 25.18 -14.98 -27.47
CA PHE A 191 25.79 -16.28 -27.18
C PHE A 191 25.36 -17.36 -28.15
N ASP A 192 26.31 -18.24 -28.50
CA ASP A 192 26.10 -19.37 -29.41
C ASP A 192 25.39 -20.54 -28.76
N ASN A 193 25.44 -20.61 -27.44
CA ASN A 193 24.77 -21.68 -26.70
C ASN A 193 24.43 -21.29 -25.26
N GLU A 194 23.45 -21.99 -24.69
CA GLU A 194 22.92 -21.65 -23.38
C GLU A 194 23.93 -21.87 -22.26
N LYS A 195 24.73 -22.94 -22.36
CA LYS A 195 25.76 -23.20 -21.35
C LYS A 195 26.75 -22.03 -21.20
N GLU A 196 27.25 -21.52 -22.32
CA GLU A 196 28.15 -20.36 -22.28
C GLU A 196 27.46 -19.10 -21.74
N LEU A 197 26.20 -18.88 -22.12
CA LEU A 197 25.42 -17.75 -21.61
C LEU A 197 25.37 -17.77 -20.07
N LEU A 198 24.98 -18.90 -19.52
CA LEU A 198 24.81 -19.04 -18.08
C LEU A 198 26.13 -19.00 -17.32
N MET A 199 27.19 -19.58 -17.90
CA MET A 199 28.52 -19.54 -17.28
C MET A 199 29.01 -18.10 -17.22
N GLU A 200 28.82 -17.36 -18.31
CA GLU A 200 29.18 -15.94 -18.32
C GLU A 200 28.30 -15.11 -17.35
N TYR A 201 27.02 -15.43 -17.26
CA TYR A 201 26.14 -14.73 -16.31
C TYR A 201 26.59 -14.93 -14.84
N LEU A 202 26.96 -16.16 -14.50
CA LEU A 202 27.49 -16.42 -13.15
C LEU A 202 28.81 -15.71 -12.86
N ASN A 203 29.71 -15.64 -13.84
CA ASN A 203 30.96 -14.89 -13.66
C ASN A 203 30.69 -13.39 -13.46
N PHE A 204 29.71 -12.89 -14.22
CA PHE A 204 29.26 -11.49 -14.12
C PHE A 204 28.69 -11.22 -12.73
N TRP A 205 27.81 -12.12 -12.29
CA TRP A 205 27.18 -12.06 -10.96
C TRP A 205 28.22 -12.06 -9.87
N GLN A 206 29.26 -12.88 -10.02
CA GLN A 206 30.36 -12.90 -9.04
C GLN A 206 31.06 -11.54 -8.97
N GLN A 207 31.28 -10.91 -10.11
CA GLN A 207 31.93 -9.61 -10.16
C GLN A 207 31.06 -8.48 -9.62
N LYS A 208 29.75 -8.57 -9.86
CA LYS A 208 28.81 -7.49 -9.55
C LYS A 208 27.65 -8.06 -8.73
N THR A 209 27.94 -8.51 -7.50
CA THR A 209 26.96 -9.29 -6.74
C THR A 209 25.91 -8.37 -6.15
N PRO A 210 24.62 -8.57 -6.53
CA PRO A 210 23.55 -7.71 -6.01
C PRO A 210 23.52 -7.70 -4.49
N VAL A 211 23.25 -6.55 -3.90
CA VAL A 211 22.90 -6.44 -2.49
C VAL A 211 21.37 -6.47 -2.40
N ILE A 212 20.73 -5.55 -3.10
CA ILE A 212 19.26 -5.53 -3.25
C ILE A 212 18.98 -6.09 -4.64
N LEU A 213 18.14 -7.13 -4.69
CA LEU A 213 17.77 -7.76 -5.95
C LEU A 213 16.28 -7.56 -6.18
N THR A 214 15.92 -6.97 -7.30
CA THR A 214 14.51 -6.66 -7.54
C THR A 214 14.14 -6.90 -9.00
N GLY A 215 12.90 -6.57 -9.35
CA GLY A 215 12.37 -6.79 -10.70
C GLY A 215 10.91 -7.13 -10.49
N TRP A 216 10.24 -7.64 -11.51
CA TRP A 216 8.81 -7.93 -11.40
C TRP A 216 8.61 -9.42 -11.39
N ASN A 217 8.04 -9.94 -10.29
CA ASN A 217 7.86 -11.40 -10.08
CA ASN A 217 7.85 -11.40 -10.08
C ASN A 217 9.18 -12.16 -10.01
N VAL A 218 10.26 -11.48 -9.64
CA VAL A 218 11.56 -12.17 -9.56
C VAL A 218 11.61 -13.25 -8.48
N GLU A 219 10.91 -13.04 -7.36
CA GLU A 219 10.98 -14.01 -6.26
C GLU A 219 10.20 -15.28 -6.59
N SER A 220 9.11 -15.13 -7.33
CA SER A 220 8.27 -16.29 -7.66
C SER A 220 8.59 -16.94 -9.02
N PHE A 221 9.19 -16.19 -9.94
CA PHE A 221 9.59 -16.72 -11.26
C PHE A 221 11.08 -16.66 -11.59
N ALA A 222 11.64 -15.47 -11.81
CA ALA A 222 12.99 -15.38 -12.38
C ALA A 222 14.06 -16.06 -11.54
N ILE A 223 14.08 -15.79 -10.24
CA ILE A 223 15.10 -16.37 -9.36
C ILE A 223 15.00 -17.90 -9.31
N PRO A 224 13.81 -18.47 -8.99
CA PRO A 224 13.75 -19.93 -9.00
C PRO A 224 14.03 -20.55 -10.36
N TYR A 225 13.61 -19.90 -11.45
CA TYR A 225 13.88 -20.45 -12.78
C TYR A 225 15.38 -20.52 -13.08
N VAL A 226 16.09 -19.42 -12.86
CA VAL A 226 17.53 -19.37 -13.10
C VAL A 226 18.28 -20.39 -12.23
N TYR A 227 17.91 -20.44 -10.95
CA TYR A 227 18.55 -21.35 -10.00
C TYR A 227 18.34 -22.82 -10.44
N ASN A 228 17.08 -23.18 -10.72
CA ASN A 228 16.76 -24.54 -11.16
C ASN A 228 17.29 -24.93 -12.55
N ARG A 229 17.36 -23.97 -13.47
CA ARG A 229 17.92 -24.27 -14.80
C ARG A 229 19.42 -24.54 -14.71
N ILE A 230 20.14 -23.69 -13.97
CA ILE A 230 21.58 -23.88 -13.74
C ILE A 230 21.82 -25.21 -12.99
N LYS A 231 20.99 -25.49 -11.99
CA LYS A 231 21.03 -26.77 -11.29
C LYS A 231 20.87 -27.97 -12.23
N ASN A 232 19.90 -27.88 -13.14
CA ASN A 232 19.62 -28.97 -14.09
C ASN A 232 20.76 -29.20 -15.08
N ILE A 233 21.38 -28.12 -15.53
CA ILE A 233 22.45 -28.23 -16.54
C ILE A 233 23.82 -28.56 -15.92
N PHE A 234 24.13 -27.91 -14.79
CA PHE A 234 25.49 -27.98 -14.22
C PHE A 234 25.61 -28.68 -12.88
N GLY A 235 24.52 -28.80 -12.14
CA GLY A 235 24.59 -29.37 -10.78
C GLY A 235 24.36 -28.31 -9.71
N GLU A 236 24.12 -28.78 -8.49
CA GLU A 236 23.81 -27.91 -7.36
C GLU A 236 24.88 -26.89 -6.98
N SER A 237 26.15 -27.31 -6.98
CA SER A 237 27.25 -26.44 -6.54
C SER A 237 27.33 -25.18 -7.39
N THR A 238 27.10 -25.33 -8.69
CA THR A 238 27.16 -24.21 -9.60
C THR A 238 25.97 -23.25 -9.39
N ALA A 239 24.78 -23.79 -9.17
CA ALA A 239 23.59 -22.96 -8.92
C ALA A 239 23.74 -22.14 -7.63
N LYS A 240 24.44 -22.69 -6.64
CA LYS A 240 24.63 -22.00 -5.35
C LYS A 240 25.56 -20.78 -5.44
N ARG A 241 26.23 -20.62 -6.58
CA ARG A 241 27.03 -19.43 -6.86
C ARG A 241 26.20 -18.15 -6.96
N LEU A 242 24.88 -18.31 -7.05
CA LEU A 242 23.97 -17.16 -6.96
C LEU A 242 23.97 -16.52 -5.55
N SER A 243 24.46 -17.28 -4.56
CA SER A 243 24.67 -16.77 -3.21
C SER A 243 26.14 -16.42 -2.99
N PRO A 244 26.42 -15.22 -2.44
CA PRO A 244 27.83 -14.88 -2.16
C PRO A 244 28.48 -15.79 -1.12
N HIS A 245 27.67 -16.50 -0.34
CA HIS A 245 28.20 -17.44 0.64
C HIS A 245 27.99 -18.88 0.25
N ARG A 246 27.56 -19.09 -1.00
CA ARG A 246 27.30 -20.44 -1.55
C ARG A 246 26.29 -21.23 -0.74
N LYS A 247 25.30 -20.53 -0.20
CA LYS A 247 24.27 -21.21 0.57
C LYS A 247 22.89 -20.76 0.12
N THR A 248 22.03 -21.75 -0.13
CA THR A 248 20.66 -21.49 -0.56
C THR A 248 19.74 -22.47 0.17
N ARG A 249 18.46 -22.10 0.25
CA ARG A 249 17.46 -22.98 0.81
C ARG A 249 16.20 -22.85 -0.01
N VAL A 250 15.55 -23.97 -0.29
CA VAL A 250 14.19 -23.90 -0.80
C VAL A 250 13.28 -23.55 0.37
N LYS A 251 12.52 -22.47 0.24
CA LYS A 251 11.59 -22.05 1.28
C LYS A 251 10.16 -22.24 0.79
N VAL A 252 9.37 -22.92 1.61
CA VAL A 252 7.97 -23.17 1.28
C VAL A 252 7.10 -22.07 1.85
N ILE A 253 6.45 -21.32 0.95
CA ILE A 253 5.53 -20.27 1.36
C ILE A 253 4.12 -20.85 1.40
N GLU A 254 3.53 -20.90 2.59
CA GLU A 254 2.19 -21.48 2.77
C GLU A 254 1.12 -20.41 2.94
N ASN A 255 -0.06 -20.69 2.39
CA ASN A 255 -1.24 -19.86 2.67
C ASN A 255 -2.44 -20.73 3.03
N MET A 256 -3.61 -20.12 3.06
CA MET A 256 -4.86 -20.77 3.46
C MET A 256 -5.18 -22.02 2.64
N TYR A 257 -4.83 -22.01 1.35
CA TYR A 257 -5.31 -23.02 0.40
C TYR A 257 -4.25 -23.88 -0.29
N GLY A 258 -2.98 -23.54 -0.10
CA GLY A 258 -1.88 -24.30 -0.68
C GLY A 258 -0.54 -23.69 -0.35
N SER A 259 0.50 -24.12 -1.07
CA SER A 259 1.84 -23.55 -0.87
C SER A 259 2.65 -23.48 -2.17
N ARG A 260 3.72 -22.69 -2.14
CA ARG A 260 4.61 -22.53 -3.27
C ARG A 260 6.03 -22.46 -2.75
N GLU A 261 7.01 -22.62 -3.64
CA GLU A 261 8.41 -22.61 -3.24
C GLU A 261 9.16 -21.41 -3.81
N ILE A 262 10.01 -20.81 -2.98
CA ILE A 262 10.95 -19.80 -3.45
C ILE A 262 12.36 -20.26 -3.06
N ILE A 263 13.37 -19.59 -3.58
CA ILE A 263 14.75 -19.93 -3.26
C ILE A 263 15.30 -18.77 -2.44
N THR A 264 15.75 -19.09 -1.24
CA THR A 264 16.43 -18.10 -0.40
C THR A 264 17.91 -18.09 -0.77
N LEU A 265 18.40 -16.94 -1.21
CA LEU A 265 19.82 -16.79 -1.53
C LEU A 265 20.50 -16.08 -0.38
N PHE A 266 21.25 -16.83 0.43
CA PHE A 266 21.92 -16.23 1.59
C PHE A 266 22.88 -15.14 1.15
N GLY A 267 22.81 -14.00 1.81
CA GLY A 267 23.70 -12.87 1.52
C GLY A 267 23.21 -11.93 0.44
N ILE A 268 21.96 -12.14 -0.02
CA ILE A 268 21.28 -11.20 -0.91
C ILE A 268 19.95 -10.79 -0.27
N SER A 269 19.52 -9.56 -0.49
CA SER A 269 18.21 -9.11 -0.02
C SER A 269 17.25 -8.94 -1.19
N VAL A 270 16.34 -9.90 -1.36
CA VAL A 270 15.39 -9.86 -2.47
C VAL A 270 14.17 -9.04 -2.08
N LEU A 271 13.96 -7.95 -2.81
CA LEU A 271 12.77 -7.12 -2.68
C LEU A 271 12.03 -7.13 -4.00
N ASP A 272 11.17 -8.12 -4.20
CA ASP A 272 10.42 -8.24 -5.45
C ASP A 272 9.56 -6.99 -5.60
N TYR A 273 9.64 -6.30 -6.73
CA TYR A 273 8.92 -5.03 -6.87
C TYR A 273 7.39 -5.17 -6.87
N ILE A 274 6.88 -6.32 -7.32
CA ILE A 274 5.43 -6.54 -7.22
C ILE A 274 4.98 -6.54 -5.75
N ASP A 275 5.81 -7.11 -4.86
CA ASP A 275 5.49 -7.15 -3.45
C ASP A 275 5.69 -5.80 -2.76
N LEU A 276 6.73 -5.06 -3.15
CA LEU A 276 6.90 -3.66 -2.69
C LEU A 276 5.67 -2.83 -3.07
N TYR A 277 5.25 -2.97 -4.32
CA TYR A 277 4.11 -2.24 -4.84
C TYR A 277 2.82 -2.57 -4.07
N LYS A 278 2.55 -3.86 -3.86
CA LYS A 278 1.36 -4.26 -3.10
C LYS A 278 1.36 -3.75 -1.65
N LYS A 279 2.52 -3.73 -1.02
CA LYS A 279 2.61 -3.26 0.37
C LYS A 279 2.54 -1.74 0.48
N PHE A 280 3.25 -1.03 -0.40
CA PHE A 280 3.50 0.40 -0.17
C PHE A 280 2.67 1.36 -1.01
N SER A 281 1.96 0.86 -2.01
CA SER A 281 1.26 1.76 -2.96
C SER A 281 -0.12 2.22 -2.52
N PHE A 282 -0.78 1.45 -1.65
CA PHE A 282 -2.17 1.68 -1.26
C PHE A 282 -3.12 1.81 -2.46
N THR A 283 -2.96 0.88 -3.39
CA THR A 283 -3.89 0.70 -4.50
C THR A 283 -4.42 -0.73 -4.39
N ASN A 284 -5.53 -1.01 -5.05
CA ASN A 284 -5.89 -2.40 -5.31
C ASN A 284 -6.23 -2.48 -6.78
N GLN A 285 -5.40 -3.16 -7.55
CA GLN A 285 -5.48 -3.13 -9.01
C GLN A 285 -6.21 -4.35 -9.56
N PRO A 286 -6.91 -4.19 -10.70
CA PRO A 286 -7.58 -5.35 -11.32
C PRO A 286 -6.60 -6.36 -11.92
N SER A 287 -5.38 -5.91 -12.21
CA SER A 287 -4.32 -6.78 -12.72
C SER A 287 -2.98 -6.30 -12.23
N TYR A 288 -2.05 -7.24 -12.01
CA TYR A 288 -0.66 -6.90 -11.66
C TYR A 288 0.38 -7.31 -12.71
N SER A 289 -0.02 -7.38 -13.97
CA SER A 289 0.93 -7.56 -15.05
C SER A 289 1.72 -6.25 -15.12
N LEU A 290 2.98 -6.32 -15.51
CA LEU A 290 3.80 -5.12 -15.57
C LEU A 290 3.25 -4.11 -16.57
N ASP A 291 2.70 -4.59 -17.68
CA ASP A 291 2.07 -3.70 -18.67
C ASP A 291 0.91 -2.90 -18.07
N TYR A 292 0.08 -3.56 -17.29
CA TYR A 292 -1.07 -2.89 -16.65
C TYR A 292 -0.61 -1.82 -15.64
N ILE A 293 0.34 -2.19 -14.78
CA ILE A 293 0.83 -1.29 -13.72
C ILE A 293 1.62 -0.13 -14.34
N SER A 294 2.41 -0.44 -15.38
CA SER A 294 3.15 0.61 -16.09
C SER A 294 2.22 1.65 -16.71
N GLU A 295 1.12 1.20 -17.32
CA GLU A 295 0.14 2.13 -17.89
C GLU A 295 -0.51 2.99 -16.80
N PHE A 296 -0.86 2.36 -15.68
CA PHE A 296 -1.44 3.08 -14.55
C PHE A 296 -0.50 4.12 -13.93
N GLU A 297 0.75 3.73 -13.68
CA GLU A 297 1.72 4.60 -13.00
C GLU A 297 2.36 5.66 -13.89
N LEU A 298 2.64 5.30 -15.15
CA LEU A 298 3.49 6.10 -16.04
C LEU A 298 2.77 6.64 -17.28
N ASN A 299 1.57 6.12 -17.52
CA ASN A 299 0.78 6.44 -18.72
CA ASN A 299 0.78 6.44 -18.73
C ASN A 299 1.52 6.09 -20.03
N VAL A 300 2.24 4.97 -20.00
CA VAL A 300 2.91 4.45 -21.21
C VAL A 300 2.03 3.36 -21.81
N GLY A 301 2.04 3.27 -23.14
CA GLY A 301 1.22 2.28 -23.86
C GLY A 301 1.71 0.86 -23.67
N LYS A 302 0.80 -0.10 -23.82
CA LYS A 302 1.13 -1.53 -23.74
C LYS A 302 2.16 -1.91 -24.81
N LEU A 303 3.07 -2.83 -24.46
CA LEU A 303 4.10 -3.28 -25.39
C LEU A 303 3.51 -4.22 -26.45
N LYS A 304 3.36 -3.69 -27.66
CA LYS A 304 2.57 -4.32 -28.72
C LYS A 304 3.37 -5.35 -29.52
N TYR A 305 2.84 -6.56 -29.64
CA TYR A 305 3.40 -7.59 -30.53
C TYR A 305 2.32 -8.50 -31.14
N ASP A 306 2.68 -9.14 -32.26
CA ASP A 306 1.79 -10.08 -32.95
C ASP A 306 2.03 -11.52 -32.49
N GLY A 307 0.94 -12.29 -32.38
CA GLY A 307 1.01 -13.71 -32.03
C GLY A 307 1.37 -13.96 -30.58
N PRO A 308 1.34 -15.24 -30.15
CA PRO A 308 1.61 -15.60 -28.75
C PRO A 308 3.07 -15.36 -28.36
N ILE A 309 3.31 -15.22 -27.06
CA ILE A 309 4.66 -14.96 -26.56
C ILE A 309 5.59 -16.15 -26.83
N SER A 310 5.01 -17.34 -26.94
CA SER A 310 5.75 -18.57 -27.20
C SER A 310 6.31 -18.67 -28.62
N LYS A 311 5.82 -17.80 -29.51
CA LYS A 311 6.32 -17.76 -30.88
C LYS A 311 7.04 -16.46 -31.21
N LEU A 312 7.11 -15.55 -30.23
CA LEU A 312 7.73 -14.25 -30.45
C LEU A 312 9.22 -14.30 -30.78
N ARG A 313 9.97 -15.17 -30.11
CA ARG A 313 11.42 -15.21 -30.37
C ARG A 313 11.72 -15.63 -31.81
N GLU A 314 11.01 -16.66 -32.28
CA GLU A 314 11.22 -17.20 -33.62
C GLU A 314 10.74 -16.24 -34.70
N SER A 315 9.59 -15.61 -34.47
CA SER A 315 9.00 -14.71 -35.45
C SER A 315 9.65 -13.31 -35.47
N ASN A 316 10.02 -12.81 -34.29
CA ASN A 316 10.53 -11.43 -34.17
C ASN A 316 11.47 -11.27 -32.98
N HIS A 317 12.63 -11.91 -33.09
CA HIS A 317 13.67 -11.86 -32.06
C HIS A 317 14.08 -10.46 -31.72
N GLN A 318 14.14 -9.60 -32.73
CA GLN A 318 14.43 -8.17 -32.53
C GLN A 318 13.52 -7.54 -31.47
N ARG A 319 12.20 -7.63 -31.69
CA ARG A 319 11.22 -7.13 -30.73
C ARG A 319 11.30 -7.86 -29.37
N TYR A 320 11.51 -9.17 -29.43
CA TYR A 320 11.62 -10.02 -28.22
C TYR A 320 12.66 -9.50 -27.23
N ILE A 321 13.85 -9.19 -27.73
CA ILE A 321 14.94 -8.64 -26.90
C ILE A 321 14.65 -7.20 -26.48
N SER A 322 14.17 -6.36 -27.41
CA SER A 322 13.85 -4.97 -27.04
C SER A 322 12.82 -4.90 -25.91
N TYR A 323 11.82 -5.77 -25.96
CA TYR A 323 10.78 -5.77 -24.93
C TYR A 323 11.27 -6.29 -23.58
N ASN A 324 12.21 -7.23 -23.59
CA ASN A 324 12.91 -7.65 -22.36
C ASN A 324 13.64 -6.48 -21.67
N ILE A 325 14.37 -5.69 -22.47
CA ILE A 325 15.08 -4.50 -21.97
C ILE A 325 14.09 -3.45 -21.44
N ILE A 326 13.04 -3.16 -22.22
CA ILE A 326 12.05 -2.16 -21.80
C ILE A 326 11.33 -2.55 -20.49
N ALA A 327 11.01 -3.83 -20.33
CA ALA A 327 10.42 -4.33 -19.08
C ALA A 327 11.29 -4.02 -17.86
N VAL A 328 12.61 -4.18 -18.00
CA VAL A 328 13.52 -3.84 -16.89
C VAL A 328 13.46 -2.34 -16.61
N TYR A 329 13.52 -1.54 -17.66
CA TYR A 329 13.47 -0.08 -17.51
C TYR A 329 12.16 0.41 -16.88
N ARG A 330 11.04 -0.22 -17.22
CA ARG A 330 9.75 0.22 -16.66
CA ARG A 330 9.72 0.17 -16.68
C ARG A 330 9.71 0.12 -15.14
N VAL A 331 10.28 -0.95 -14.59
CA VAL A 331 10.37 -1.08 -13.13
C VAL A 331 11.22 0.06 -12.50
N LEU A 332 12.31 0.44 -13.17
CA LEU A 332 13.14 1.57 -12.71
C LEU A 332 12.36 2.89 -12.77
N GLN A 333 11.54 3.04 -13.80
CA GLN A 333 10.70 4.24 -13.94
C GLN A 333 9.64 4.31 -12.86
N ILE A 334 8.99 3.18 -12.57
CA ILE A 334 8.04 3.14 -11.47
C ILE A 334 8.72 3.50 -10.15
N ASP A 335 9.93 2.98 -9.91
CA ASP A 335 10.65 3.29 -8.67
C ASP A 335 11.12 4.75 -8.60
N ALA A 336 11.51 5.32 -9.74
CA ALA A 336 11.86 6.75 -9.77
C ALA A 336 10.68 7.60 -9.28
N LYS A 337 9.47 7.17 -9.63
CA LYS A 337 8.25 7.87 -9.18
C LYS A 337 7.89 7.58 -7.71
N ARG A 338 7.73 6.29 -7.38
CA ARG A 338 7.16 5.87 -6.11
C ARG A 338 8.18 5.84 -4.97
N GLN A 339 9.44 5.59 -5.30
CA GLN A 339 10.56 5.59 -4.35
C GLN A 339 10.45 4.54 -3.23
N PHE A 340 10.01 3.34 -3.61
CA PHE A 340 9.84 2.24 -2.67
C PHE A 340 11.16 1.61 -2.18
N ILE A 341 12.17 1.56 -3.06
CA ILE A 341 13.51 1.06 -2.65
C ILE A 341 14.12 1.99 -1.59
N ASN A 342 14.07 3.30 -1.87
CA ASN A 342 14.50 4.33 -0.91
C ASN A 342 13.83 4.18 0.46
N LEU A 343 12.51 4.01 0.43
CA LEU A 343 11.71 3.75 1.65
C LEU A 343 12.18 2.52 2.40
N SER A 344 12.40 1.42 1.67
CA SER A 344 12.84 0.16 2.28
C SER A 344 14.19 0.30 2.96
N LEU A 345 15.13 0.94 2.27
CA LEU A 345 16.45 1.22 2.87
C LEU A 345 16.33 2.07 4.14
N ASP A 346 15.59 3.19 4.05
CA ASP A 346 15.33 4.07 5.21
C ASP A 346 14.81 3.30 6.42
N MET A 347 13.73 2.52 6.22
CA MET A 347 13.12 1.82 7.35
CA MET A 347 13.07 1.75 7.30
C MET A 347 13.99 0.67 7.85
N GLY A 348 14.62 -0.07 6.94
CA GLY A 348 15.48 -1.20 7.32
C GLY A 348 16.67 -0.77 8.16
N TYR A 349 17.32 0.32 7.74
CA TYR A 349 18.48 0.82 8.49
C TYR A 349 18.09 1.48 9.81
N TYR A 350 16.91 2.11 9.84
CA TYR A 350 16.39 2.69 11.07
C TYR A 350 16.18 1.62 12.13
N ALA A 351 15.58 0.50 11.75
CA ALA A 351 15.27 -0.60 12.67
C ALA A 351 16.49 -1.49 12.98
N LYS A 352 17.48 -1.45 12.10
CA LYS A 352 18.66 -2.35 12.14
C LYS A 352 18.26 -3.82 11.90
N ILE A 353 17.62 -4.04 10.74
CA ILE A 353 17.14 -5.37 10.35
C ILE A 353 17.70 -5.70 8.96
N GLN A 354 17.57 -6.95 8.54
CA GLN A 354 17.81 -7.30 7.13
C GLN A 354 16.82 -6.46 6.33
N ILE A 355 17.25 -5.88 5.21
CA ILE A 355 16.35 -4.97 4.47
C ILE A 355 15.02 -5.66 4.09
N GLN A 356 15.08 -6.94 3.70
CA GLN A 356 13.86 -7.67 3.30
C GLN A 356 12.84 -7.80 4.44
N SER A 357 13.27 -7.57 5.66
CA SER A 357 12.38 -7.65 6.81
C SER A 357 11.40 -6.48 6.92
N VAL A 358 11.57 -5.44 6.09
CA VAL A 358 10.60 -4.33 6.08
C VAL A 358 9.18 -4.79 5.74
N PHE A 359 9.05 -5.96 5.10
CA PHE A 359 7.74 -6.54 4.84
C PHE A 359 7.01 -6.94 6.13
N SER A 360 7.73 -7.09 7.24
CA SER A 360 7.13 -7.56 8.50
C SER A 360 7.15 -6.46 9.57
N PRO A 361 5.99 -5.87 9.87
CA PRO A 361 5.92 -4.89 10.96
C PRO A 361 6.30 -5.49 12.30
N ILE A 362 5.97 -6.77 12.52
CA ILE A 362 6.38 -7.45 13.76
C ILE A 362 7.90 -7.50 13.93
N LYS A 363 8.61 -7.95 12.89
CA LYS A 363 10.07 -7.99 12.93
C LYS A 363 10.65 -6.58 13.07
N THR A 364 10.08 -5.62 12.35
CA THR A 364 10.55 -4.24 12.38
C THR A 364 10.47 -3.63 13.78
N TRP A 365 9.30 -3.74 14.40
CA TRP A 365 9.14 -3.23 15.76
C TRP A 365 9.88 -4.01 16.80
N ASP A 366 9.98 -5.33 16.63
CA ASP A 366 10.80 -6.12 17.56
C ASP A 366 12.21 -5.55 17.64
N ALA A 367 12.79 -5.28 16.46
CA ALA A 367 14.16 -4.74 16.39
C ALA A 367 14.29 -3.31 16.93
N ILE A 368 13.34 -2.44 16.60
CA ILE A 368 13.35 -1.06 17.10
C ILE A 368 13.29 -1.06 18.64
N ILE A 369 12.36 -1.82 19.20
CA ILE A 369 12.18 -1.87 20.65
C ILE A 369 13.40 -2.51 21.34
N PHE A 370 13.91 -3.58 20.75
CA PHE A 370 15.12 -4.25 21.27
C PHE A 370 16.30 -3.29 21.36
N ASN A 371 16.57 -2.59 20.26
CA ASN A 371 17.69 -1.64 20.24
C ASN A 371 17.53 -0.52 21.26
N SER A 372 16.30 -0.03 21.41
CA SER A 372 15.98 1.02 22.38
C SER A 372 16.21 0.59 23.83
N LEU A 373 15.74 -0.62 24.16
CA LEU A 373 15.90 -1.18 25.51
C LEU A 373 17.34 -1.51 25.84
N LYS A 374 18.05 -2.08 24.86
CA LYS A 374 19.47 -2.41 25.02
C LYS A 374 20.30 -1.19 25.41
N GLU A 375 19.95 -0.02 24.87
CA GLU A 375 20.64 1.24 25.20
C GLU A 375 20.64 1.56 26.70
N GLN A 376 19.63 1.06 27.40
CA GLN A 376 19.47 1.28 28.84
C GLN A 376 19.84 0.04 29.66
N ASN A 377 20.56 -0.92 29.05
CA ASN A 377 20.89 -2.23 29.65
C ASN A 377 19.65 -3.00 30.14
N LYS A 378 18.51 -2.77 29.48
CA LYS A 378 17.31 -3.53 29.78
C LYS A 378 17.23 -4.77 28.88
N VAL A 379 16.48 -5.77 29.34
CA VAL A 379 16.50 -7.08 28.72
C VAL A 379 15.09 -7.46 28.28
N ILE A 380 14.95 -7.82 27.01
CA ILE A 380 13.63 -8.10 26.43
C ILE A 380 13.08 -9.45 26.90
N PRO A 381 11.74 -9.57 27.05
CA PRO A 381 11.15 -10.84 27.50
C PRO A 381 11.19 -11.90 26.39
N GLN A 382 11.09 -13.17 26.77
CA GLN A 382 10.96 -14.23 25.78
C GLN A 382 9.59 -14.18 25.10
N GLY A 383 9.57 -14.44 23.80
CA GLY A 383 8.30 -14.61 23.08
C GLY A 383 7.58 -15.86 23.54
N ARG A 384 6.26 -15.78 23.67
CA ARG A 384 5.42 -16.89 24.13
C ARG A 384 4.32 -17.27 23.11
N SER A 385 3.80 -18.49 23.26
CA SER A 385 2.70 -18.98 22.45
C SER A 385 1.37 -18.43 23.01
N HIS A 386 0.50 -17.94 22.12
CA HIS A 386 -0.87 -17.52 22.51
C HIS A 386 -1.89 -18.02 21.54
N PRO A 387 -3.09 -18.39 22.03
CA PRO A 387 -4.19 -18.73 21.11
C PRO A 387 -4.77 -17.48 20.48
N VAL A 388 -5.10 -17.55 19.19
CA VAL A 388 -5.74 -16.43 18.48
C VAL A 388 -7.12 -16.17 19.08
N GLN A 389 -7.38 -14.91 19.44
CA GLN A 389 -8.65 -14.50 20.05
C GLN A 389 -9.16 -13.22 19.38
N PRO A 390 -10.45 -13.17 19.01
CA PRO A 390 -10.99 -11.90 18.47
C PRO A 390 -11.03 -10.80 19.53
N TYR A 391 -10.91 -9.54 19.12
CA TYR A 391 -11.07 -8.42 20.05
C TYR A 391 -11.74 -7.23 19.34
N PRO A 392 -12.37 -6.32 20.12
CA PRO A 392 -13.13 -5.23 19.50
C PRO A 392 -12.29 -4.10 18.93
N GLY A 393 -12.84 -3.44 17.91
CA GLY A 393 -12.14 -2.37 17.21
C GLY A 393 -12.87 -1.04 17.33
N ALA A 394 -13.04 -0.35 16.20
CA ALA A 394 -13.54 1.02 16.22
C ALA A 394 -15.06 1.10 16.30
N PHE A 395 -15.56 2.30 16.59
CA PHE A 395 -16.98 2.63 16.50
C PHE A 395 -17.26 3.35 15.17
N VAL A 396 -18.34 2.94 14.51
CA VAL A 396 -18.81 3.60 13.28
C VAL A 396 -20.28 3.99 13.49
N LYS A 397 -20.61 5.28 13.33
CA LYS A 397 -21.98 5.76 13.54
C LYS A 397 -22.88 5.37 12.38
N GLU A 398 -24.12 4.97 12.66
CA GLU A 398 -25.06 4.66 11.59
C GLU A 398 -25.66 5.97 11.07
N PRO A 399 -25.38 6.35 9.80
CA PRO A 399 -25.93 7.62 9.32
C PRO A 399 -27.37 7.48 8.81
N ILE A 400 -28.15 8.55 8.90
CA ILE A 400 -29.46 8.58 8.25
C ILE A 400 -29.22 8.80 6.75
N PRO A 401 -29.61 7.82 5.90
CA PRO A 401 -29.38 7.97 4.45
C PRO A 401 -30.12 9.20 3.92
N ASN A 402 -29.41 10.08 3.23
CA ASN A 402 -30.00 11.35 2.81
C ASN A 402 -28.99 12.14 2.00
N ARG A 403 -29.46 13.19 1.34
CA ARG A 403 -28.57 14.25 0.87
C ARG A 403 -28.20 15.11 2.07
N TYR A 404 -26.99 15.65 2.02
CA TYR A 404 -26.49 16.61 2.99
C TYR A 404 -25.81 17.72 2.20
N LYS A 405 -26.39 18.92 2.24
CA LYS A 405 -25.95 20.03 1.38
C LYS A 405 -24.56 20.62 1.75
N TYR A 406 -24.41 21.13 2.97
CA TYR A 406 -23.15 21.69 3.46
C TYR A 406 -22.59 20.83 4.58
N VAL A 407 -21.34 20.41 4.41
CA VAL A 407 -20.70 19.50 5.37
C VAL A 407 -19.27 19.96 5.67
N MET A 408 -18.92 19.95 6.96
CA MET A 408 -17.54 20.12 7.38
C MET A 408 -17.12 18.91 8.17
N SER A 409 -15.95 18.37 7.86
CA SER A 409 -15.47 17.22 8.62
C SER A 409 -14.28 17.57 9.47
N PHE A 410 -14.10 16.79 10.54
CA PHE A 410 -12.97 16.94 11.46
C PHE A 410 -12.40 15.55 11.76
N ASP A 411 -11.09 15.47 11.94
CA ASP A 411 -10.41 14.19 12.07
C ASP A 411 -9.28 14.30 13.10
N LEU A 412 -9.10 13.25 13.92
CA LEU A 412 -8.00 13.21 14.90
C LEU A 412 -6.67 12.83 14.23
N THR A 413 -5.60 13.57 14.56
CA THR A 413 -4.28 13.29 14.02
C THR A 413 -3.74 11.97 14.57
N SER A 414 -3.26 11.11 13.65
CA SER A 414 -2.62 9.84 14.03
CA SER A 414 -2.65 9.82 14.01
C SER A 414 -3.28 9.23 15.27
N LEU A 415 -4.54 8.81 15.14
CA LEU A 415 -5.31 8.44 16.33
C LEU A 415 -4.69 7.38 17.22
N TYR A 416 -4.48 6.18 16.69
CA TYR A 416 -4.04 5.08 17.56
C TYR A 416 -2.66 5.37 18.19
N PRO A 417 -1.69 5.85 17.39
CA PRO A 417 -0.42 6.24 18.03
C PRO A 417 -0.56 7.37 19.07
N SER A 418 -1.46 8.34 18.83
CA SER A 418 -1.70 9.42 19.79
C SER A 418 -2.34 8.91 21.10
N ILE A 419 -3.23 7.93 21.00
CA ILE A 419 -3.80 7.25 22.18
C ILE A 419 -2.70 6.56 22.99
N ILE A 420 -1.83 5.81 22.31
CA ILE A 420 -0.71 5.13 22.97
C ILE A 420 0.13 6.15 23.77
N ARG A 421 0.43 7.28 23.14
CA ARG A 421 1.23 8.32 23.79
C ARG A 421 0.47 9.01 24.93
N GLN A 422 -0.80 9.34 24.70
CA GLN A 422 -1.62 10.07 25.69
C GLN A 422 -1.84 9.25 26.96
N VAL A 423 -2.22 8.01 26.76
CA VAL A 423 -2.53 7.09 27.84
C VAL A 423 -1.27 6.47 28.46
N ASN A 424 -0.18 6.43 27.68
CA ASN A 424 1.11 5.79 28.07
C ASN A 424 1.03 4.27 28.09
N ILE A 425 0.52 3.70 27.00
CA ILE A 425 0.26 2.25 26.89
C ILE A 425 1.50 1.52 26.40
N SER A 426 1.98 0.58 27.23
CA SER A 426 3.23 -0.14 26.95
C SER A 426 3.22 -1.43 27.79
N PRO A 427 3.98 -2.47 27.38
CA PRO A 427 4.03 -3.65 28.24
C PRO A 427 4.46 -3.35 29.69
N GLU A 428 5.42 -2.45 29.86
CA GLU A 428 5.99 -2.23 31.19
C GLU A 428 5.35 -1.09 31.99
N THR A 429 4.34 -0.44 31.43
CA THR A 429 3.68 0.66 32.14
C THR A 429 2.33 0.26 32.71
N ILE A 430 1.95 -1.02 32.59
CA ILE A 430 0.68 -1.48 33.17
C ILE A 430 0.74 -1.31 34.70
N ALA A 431 -0.24 -0.60 35.26
CA ALA A 431 -0.27 -0.28 36.69
C ALA A 431 -1.32 -1.08 37.43
N GLY A 432 -2.31 -1.59 36.70
CA GLY A 432 -3.40 -2.34 37.31
C GLY A 432 -4.69 -2.13 36.55
N THR A 433 -5.81 -2.41 37.20
CA THR A 433 -7.13 -2.28 36.56
C THR A 433 -8.09 -1.54 37.48
N PHE A 434 -9.16 -1.00 36.91
CA PHE A 434 -10.28 -0.44 37.69
C PHE A 434 -11.59 -1.09 37.27
N LYS A 435 -12.62 -0.90 38.09
CA LYS A 435 -13.94 -1.47 37.80
C LYS A 435 -14.65 -0.67 36.72
N VAL A 436 -14.91 -1.30 35.58
CA VAL A 436 -15.46 -0.60 34.41
CA VAL A 436 -15.45 -0.62 34.41
C VAL A 436 -16.97 -0.41 34.48
N ALA A 437 -17.42 0.76 34.02
CA ALA A 437 -18.83 1.07 33.82
C ALA A 437 -19.12 0.85 32.33
N PRO A 438 -20.42 0.75 31.94
CA PRO A 438 -20.71 0.70 30.49
C PRO A 438 -20.10 1.90 29.77
N LEU A 439 -19.60 1.68 28.54
CA LEU A 439 -18.93 2.73 27.78
C LEU A 439 -19.75 4.02 27.68
N HIS A 440 -21.06 3.88 27.45
CA HIS A 440 -22.03 4.98 27.46
C HIS A 440 -21.89 5.92 28.64
N ASP A 441 -21.61 5.36 29.82
CA ASP A 441 -21.44 6.16 31.03
C ASP A 441 -20.21 7.05 31.02
N TYR A 442 -19.12 6.58 30.40
CA TYR A 442 -17.93 7.42 30.24
C TYR A 442 -18.18 8.47 29.17
N ILE A 443 -18.81 8.07 28.07
CA ILE A 443 -19.13 8.99 26.97
C ILE A 443 -19.93 10.18 27.47
N ASN A 444 -20.86 9.93 28.39
CA ASN A 444 -21.74 10.96 28.91
C ASN A 444 -21.26 11.55 30.24
N ALA A 445 -20.05 11.15 30.64
CA ALA A 445 -19.38 11.71 31.83
C ALA A 445 -20.20 11.55 33.12
N VAL A 446 -20.85 10.40 33.28
CA VAL A 446 -21.59 10.10 34.50
C VAL A 446 -20.95 8.96 35.30
N ALA A 447 -20.02 8.24 34.69
CA ALA A 447 -19.28 7.22 35.44
C ALA A 447 -18.34 7.88 36.43
N GLU A 448 -18.05 7.16 37.51
CA GLU A 448 -17.03 7.56 38.48
C GLU A 448 -15.69 7.72 37.76
N ARG A 449 -14.92 8.72 38.18
CA ARG A 449 -13.58 8.93 37.64
C ARG A 449 -12.73 7.69 37.94
N PRO A 450 -12.15 7.05 36.89
CA PRO A 450 -11.45 5.77 37.04
C PRO A 450 -10.31 5.77 38.07
N SER A 451 -9.49 6.82 38.11
CA SER A 451 -8.30 6.85 38.98
C SER A 451 -7.85 8.27 39.28
N ASP A 452 -7.39 8.48 40.51
CA ASP A 452 -6.73 9.72 40.91
C ASP A 452 -5.22 9.60 40.94
N VAL A 453 -4.70 8.49 40.42
CA VAL A 453 -3.25 8.22 40.49
C VAL A 453 -2.68 7.85 39.11
N TYR A 454 -3.39 6.98 38.39
CA TYR A 454 -2.89 6.45 37.13
C TYR A 454 -3.67 6.94 35.91
N SER A 455 -3.09 6.72 34.73
CA SER A 455 -3.67 7.13 33.44
C SER A 455 -4.51 5.98 32.89
N CYS A 456 -5.74 6.27 32.48
CA CYS A 456 -6.72 5.21 32.24
C CYS A 456 -7.30 5.14 30.83
N SER A 457 -7.71 3.93 30.46
CA SER A 457 -8.52 3.70 29.27
C SER A 457 -9.84 3.09 29.73
N PRO A 458 -10.96 3.42 29.06
CA PRO A 458 -12.25 2.88 29.50
C PRO A 458 -12.44 1.35 29.34
N ASN A 459 -11.41 0.61 28.91
CA ASN A 459 -11.49 -0.86 28.95
C ASN A 459 -11.14 -1.43 30.34
N GLY A 460 -10.76 -0.54 31.26
CA GLY A 460 -10.42 -0.94 32.64
C GLY A 460 -8.94 -0.92 32.99
N MET A 461 -8.09 -0.58 32.03
CA MET A 461 -6.66 -0.61 32.27
C MET A 461 -6.15 0.72 32.80
N MET A 462 -5.17 0.65 33.71
CA MET A 462 -4.48 1.82 34.23
C MET A 462 -3.00 1.74 33.94
N TYR A 463 -2.35 2.89 33.75
CA TYR A 463 -0.94 2.96 33.37
C TYR A 463 -0.16 3.97 34.22
N TYR A 464 1.12 3.68 34.43
CA TYR A 464 2.02 4.62 35.12
C TYR A 464 2.12 5.98 34.44
N LYS A 465 2.28 7.02 35.26
CA LYS A 465 2.44 8.38 34.76
C LYS A 465 3.83 8.96 35.03
N ASP A 466 4.68 8.22 35.72
CA ASP A 466 5.95 8.80 36.18
C ASP A 466 6.98 8.88 35.05
N ARG A 467 6.85 8.01 34.06
CA ARG A 467 7.81 7.91 32.97
C ARG A 467 7.17 7.29 31.74
N ASP A 468 7.63 7.69 30.55
CA ASP A 468 7.12 7.13 29.29
C ASP A 468 7.54 5.69 29.12
N GLY A 469 6.61 4.86 28.67
CA GLY A 469 6.93 3.49 28.28
C GLY A 469 7.75 3.47 27.00
N VAL A 470 8.41 2.34 26.73
CA VAL A 470 9.21 2.21 25.50
C VAL A 470 8.36 2.29 24.21
N VAL A 471 7.15 1.75 24.24
CA VAL A 471 6.26 1.83 23.08
C VAL A 471 5.88 3.28 22.77
N PRO A 472 5.39 4.06 23.76
CA PRO A 472 5.20 5.50 23.51
C PRO A 472 6.48 6.24 23.06
N THR A 473 7.63 5.96 23.67
CA THR A 473 8.88 6.65 23.29
C THR A 473 9.23 6.40 21.82
N GLU A 474 9.20 5.13 21.42
CA GLU A 474 9.59 4.76 20.05
C GLU A 474 8.56 5.12 18.99
N ILE A 475 7.28 5.01 19.33
CA ILE A 475 6.23 5.39 18.38
C ILE A 475 6.28 6.90 18.10
N THR A 476 6.69 7.68 19.11
CA THR A 476 6.78 9.14 18.98
C THR A 476 7.85 9.53 17.94
N LYS A 477 8.97 8.82 17.95
CA LYS A 477 10.07 9.11 17.04
C LYS A 477 9.64 8.91 15.58
N VAL A 478 8.97 7.81 15.29
CA VAL A 478 8.51 7.57 13.92
C VAL A 478 7.36 8.52 13.53
N PHE A 479 6.46 8.79 14.48
CA PHE A 479 5.41 9.79 14.26
C PHE A 479 5.96 11.16 13.84
N ASN A 480 7.01 11.63 14.53
CA ASN A 480 7.65 12.89 14.19
C ASN A 480 8.25 12.90 12.77
N GLN A 481 8.84 11.79 12.35
CA GLN A 481 9.31 11.63 10.96
C GLN A 481 8.15 11.72 9.98
N ARG A 482 7.06 11.00 10.28
CA ARG A 482 5.85 11.02 9.46
C ARG A 482 5.33 12.44 9.27
N LYS A 483 5.27 13.19 10.38
CA LYS A 483 4.76 14.56 10.39
C LYS A 483 5.56 15.48 9.47
N GLU A 484 6.89 15.33 9.49
CA GLU A 484 7.78 16.10 8.60
C GLU A 484 7.47 15.85 7.11
N HIS A 485 7.39 14.57 6.75
CA HIS A 485 7.09 14.20 5.35
C HIS A 485 5.72 14.57 4.91
N LYS A 486 4.73 14.47 5.80
CA LYS A 486 3.39 14.91 5.47
C LYS A 486 3.35 16.40 5.17
N GLY A 487 4.14 17.18 5.91
CA GLY A 487 4.29 18.60 5.63
C GLY A 487 4.78 18.88 4.21
N TYR A 488 5.78 18.12 3.76
CA TYR A 488 6.30 18.29 2.40
C TYR A 488 5.25 17.90 1.37
N MET A 489 4.51 16.82 1.65
CA MET A 489 3.48 16.34 0.75
C MET A 489 2.39 17.39 0.56
N LEU A 490 1.90 17.97 1.66
CA LEU A 490 0.85 19.01 1.59
C LEU A 490 1.30 20.32 0.93
N ALA A 491 2.54 20.72 1.18
CA ALA A 491 3.07 21.91 0.52
C ALA A 491 3.10 21.70 -1.00
N ALA A 492 3.54 20.51 -1.44
CA ALA A 492 3.61 20.19 -2.88
C ALA A 492 2.22 20.17 -3.50
N GLN A 493 1.26 19.66 -2.76
CA GLN A 493 -0.14 19.69 -3.15
C GLN A 493 -0.67 21.13 -3.31
N ARG A 494 -0.42 22.00 -2.32
CA ARG A 494 -0.82 23.41 -2.40
C ARG A 494 -0.11 24.12 -3.57
N ASN A 495 1.18 23.82 -3.75
CA ASN A 495 1.95 24.36 -4.87
C ASN A 495 1.37 23.95 -6.22
N GLY A 496 0.95 22.68 -6.32
CA GLY A 496 0.28 22.18 -7.52
C GLY A 496 -0.96 22.99 -7.87
N GLU A 497 -1.74 23.36 -6.85
CA GLU A 497 -2.97 24.14 -7.09
C GLU A 497 -2.69 25.56 -7.58
N ILE A 498 -1.60 26.16 -7.11
CA ILE A 498 -1.16 27.46 -7.61
C ILE A 498 -0.89 27.39 -9.12
N ILE A 499 -0.19 26.35 -9.54
CA ILE A 499 0.15 26.12 -10.95
C ILE A 499 -1.09 25.85 -11.81
N LYS A 500 -2.02 25.05 -11.29
CA LYS A 500 -3.29 24.82 -11.96
C LYS A 500 -4.07 26.13 -12.19
N GLU A 501 -4.08 27.02 -11.19
CA GLU A 501 -4.73 28.33 -11.33
C GLU A 501 -4.05 29.15 -12.42
N ALA A 502 -2.73 29.18 -12.41
CA ALA A 502 -1.93 29.94 -13.39
C ALA A 502 -2.17 29.44 -14.80
N LEU A 503 -2.41 28.14 -14.94
CA LEU A 503 -2.66 27.52 -16.23
C LEU A 503 -3.93 28.01 -16.92
N HIS A 504 -4.81 28.69 -16.18
CA HIS A 504 -5.98 29.33 -16.80
C HIS A 504 -5.57 30.48 -17.67
N ASN A 505 -4.43 31.09 -17.36
CA ASN A 505 -3.91 32.24 -18.14
C ASN A 505 -2.44 32.10 -18.57
N PRO A 506 -2.14 31.11 -19.44
CA PRO A 506 -0.74 30.87 -19.84
C PRO A 506 -0.23 31.95 -20.78
N ASN A 507 1.04 32.32 -20.63
CA ASN A 507 1.62 33.40 -21.45
C ASN A 507 2.19 32.90 -22.77
N LEU A 508 2.00 33.70 -23.82
CA LEU A 508 2.51 33.35 -25.15
C LEU A 508 3.98 33.75 -25.26
N SER A 509 4.84 32.84 -24.80
CA SER A 509 6.28 33.09 -24.76
C SER A 509 7.05 31.78 -24.76
N VAL A 510 8.36 31.87 -24.98
CA VAL A 510 9.23 30.71 -24.84
C VAL A 510 10.12 30.96 -23.62
N ASP A 511 10.03 30.05 -22.65
CA ASP A 511 10.74 30.17 -21.39
C ASP A 511 11.02 28.78 -20.78
N GLU A 512 11.50 28.77 -19.54
CA GLU A 512 11.85 27.53 -18.85
C GLU A 512 11.06 27.36 -17.54
N PRO A 513 10.86 26.11 -17.08
CA PRO A 513 10.31 25.92 -15.73
C PRO A 513 11.28 26.50 -14.70
N LEU A 514 10.73 27.07 -13.62
CA LEU A 514 11.53 27.63 -12.53
C LEU A 514 12.22 26.54 -11.70
N ASP A 515 13.44 26.80 -11.27
CA ASP A 515 14.17 25.89 -10.41
C ASP A 515 13.77 26.12 -8.94
N VAL A 516 12.83 25.31 -8.46
CA VAL A 516 12.28 25.48 -7.11
C VAL A 516 12.21 24.17 -6.32
N ASP A 517 12.16 24.29 -4.99
CA ASP A 517 11.88 23.14 -4.11
C ASP A 517 10.39 23.06 -3.79
N TYR A 518 9.72 22.09 -4.40
CA TYR A 518 8.27 21.96 -4.32
C TYR A 518 7.77 21.52 -2.94
N ARG A 519 8.70 21.12 -2.06
CA ARG A 519 8.34 20.70 -0.70
C ARG A 519 8.01 21.87 0.22
N PHE A 520 8.26 23.10 -0.25
CA PHE A 520 8.00 24.31 0.52
C PHE A 520 7.06 25.25 -0.22
N ASP A 521 6.11 25.85 0.51
CA ASP A 521 5.12 26.73 -0.11
C ASP A 521 5.81 27.81 -0.91
N PHE A 522 5.35 28.03 -2.14
CA PHE A 522 5.95 29.04 -3.03
C PHE A 522 5.94 30.42 -2.38
N SER A 523 7.08 31.10 -2.46
CA SER A 523 7.19 32.48 -2.01
C SER A 523 6.38 33.42 -2.92
N ASP A 524 6.20 34.67 -2.47
CA ASP A 524 5.55 35.68 -3.31
C ASP A 524 6.29 35.91 -4.63
N GLU A 525 7.63 35.92 -4.59
CA GLU A 525 8.42 36.11 -5.80
C GLU A 525 8.19 34.98 -6.81
N ILE A 526 8.19 33.75 -6.34
CA ILE A 526 7.91 32.60 -7.21
C ILE A 526 6.50 32.68 -7.81
N LYS A 527 5.51 33.03 -6.99
CA LYS A 527 4.14 33.19 -7.47
C LYS A 527 4.03 34.22 -8.58
N GLU A 528 4.76 35.33 -8.44
CA GLU A 528 4.76 36.36 -9.47
C GLU A 528 5.35 35.87 -10.80
N LYS A 529 6.45 35.12 -10.72
CA LYS A 529 7.09 34.56 -11.91
C LYS A 529 6.21 33.53 -12.63
N ILE A 530 5.51 32.71 -11.84
CA ILE A 530 4.60 31.69 -12.35
C ILE A 530 3.49 32.30 -13.22
N LYS A 531 2.98 33.45 -12.77
CA LYS A 531 1.93 34.17 -13.50
C LYS A 531 2.37 34.69 -14.88
N LYS A 532 3.66 34.63 -15.15
CA LYS A 532 4.20 35.11 -16.44
C LYS A 532 4.71 33.98 -17.35
N LEU A 533 4.58 32.74 -16.89
CA LEU A 533 5.10 31.58 -17.62
C LEU A 533 4.19 31.02 -18.73
N SER A 534 4.82 30.38 -19.72
CA SER A 534 4.13 29.67 -20.80
C SER A 534 3.43 28.42 -20.29
N ALA A 535 2.51 27.89 -21.10
CA ALA A 535 1.82 26.62 -20.78
C ALA A 535 2.78 25.44 -20.72
N LYS A 536 3.76 25.42 -21.63
CA LYS A 536 4.78 24.36 -21.65
C LYS A 536 5.56 24.32 -20.34
N SER A 537 6.04 25.47 -19.88
CA SER A 537 6.79 25.54 -18.63
C SER A 537 5.91 25.21 -17.41
N LEU A 538 4.69 25.73 -17.40
CA LEU A 538 3.73 25.48 -16.32
C LEU A 538 3.39 24.00 -16.16
N ASN A 539 3.20 23.32 -17.29
CA ASN A 539 2.88 21.89 -17.27
C ASN A 539 4.05 21.05 -16.79
N GLU A 540 5.27 21.45 -17.16
CA GLU A 540 6.46 20.79 -16.64
C GLU A 540 6.55 20.99 -15.13
N MET A 541 6.30 22.21 -14.66
CA MET A 541 6.27 22.49 -13.22
C MET A 541 5.18 21.70 -12.47
N LEU A 542 4.03 21.52 -13.11
CA LEU A 542 2.94 20.76 -12.49
C LEU A 542 3.34 19.28 -12.35
N PHE A 543 3.91 18.71 -13.41
CA PHE A 543 4.43 17.35 -13.37
C PHE A 543 5.45 17.17 -12.23
N ARG A 544 6.37 18.13 -12.11
CA ARG A 544 7.37 18.09 -11.02
C ARG A 544 6.77 18.25 -9.63
N ALA A 545 5.78 19.14 -9.49
CA ALA A 545 5.08 19.33 -8.21
C ALA A 545 4.37 18.03 -7.81
N GLN A 546 3.71 17.41 -8.78
CA GLN A 546 2.99 16.16 -8.56
C GLN A 546 3.92 14.99 -8.23
N ARG A 547 5.09 14.94 -8.86
CA ARG A 547 6.10 13.94 -8.50
C ARG A 547 6.63 14.14 -7.08
N THR A 548 6.80 15.41 -6.67
CA THR A 548 7.20 15.75 -5.30
C THR A 548 6.12 15.33 -4.31
N GLU A 549 4.86 15.57 -4.66
CA GLU A 549 3.76 15.13 -3.82
C GLU A 549 3.73 13.59 -3.67
N VAL A 550 3.96 12.86 -4.76
CA VAL A 550 4.01 11.38 -4.70
C VAL A 550 5.15 10.91 -3.79
N ALA A 551 6.33 11.52 -3.92
CA ALA A 551 7.46 11.17 -3.06
C ALA A 551 7.12 11.39 -1.57
N GLY A 552 6.50 12.53 -1.27
CA GLY A 552 6.06 12.86 0.10
C GLY A 552 5.00 11.88 0.61
N MET A 553 4.07 11.51 -0.28
CA MET A 553 3.03 10.53 0.04
C MET A 553 3.64 9.17 0.41
N THR A 554 4.54 8.65 -0.43
CA THR A 554 5.22 7.38 -0.11
C THR A 554 5.86 7.43 1.28
N ALA A 555 6.59 8.51 1.54
CA ALA A 555 7.33 8.64 2.80
C ALA A 555 6.41 8.75 4.00
N GLN A 556 5.32 9.51 3.86
CA GLN A 556 4.44 9.76 5.00
C GLN A 556 3.45 8.62 5.26
N ILE A 557 2.81 8.10 4.20
CA ILE A 557 1.74 7.12 4.39
C ILE A 557 2.32 5.80 4.90
N ASN A 558 3.56 5.51 4.56
CA ASN A 558 4.13 4.25 5.00
C ASN A 558 4.72 4.30 6.39
N ARG A 559 5.13 5.49 6.81
CA ARG A 559 5.50 5.71 8.20
C ARG A 559 4.24 5.69 9.09
N LYS A 560 3.15 6.29 8.59
CA LYS A 560 1.82 6.13 9.21
C LYS A 560 1.45 4.64 9.33
N ALA A 561 1.63 3.89 8.24
CA ALA A 561 1.31 2.46 8.27
C ALA A 561 2.15 1.70 9.30
N LEU A 562 3.43 2.06 9.44
CA LEU A 562 4.31 1.42 10.42
C LEU A 562 3.85 1.69 11.87
N ILE A 563 3.54 2.94 12.19
CA ILE A 563 3.09 3.27 13.56
C ILE A 563 1.70 2.70 13.86
N ASN A 564 0.79 2.71 12.88
CA ASN A 564 -0.50 2.01 13.07
C ASN A 564 -0.32 0.51 13.19
N GLY A 565 0.74 0.00 12.55
CA GLY A 565 1.10 -1.42 12.63
C GLY A 565 1.51 -1.86 14.03
N LEU A 566 2.20 -0.98 14.76
CA LEU A 566 2.54 -1.25 16.16
C LEU A 566 1.27 -1.43 17.02
N ALA A 567 0.29 -0.55 16.86
CA ALA A 567 -0.99 -0.73 17.57
C ALA A 567 -1.65 -2.08 17.24
N GLY A 568 -1.56 -2.48 15.97
CA GLY A 568 -2.10 -3.78 15.55
C GLY A 568 -1.26 -4.99 15.98
N ALA A 569 0.06 -4.81 16.02
CA ALA A 569 0.98 -5.88 16.46
C ALA A 569 0.72 -6.33 17.89
N LEU A 570 0.25 -5.40 18.72
CA LEU A 570 -0.15 -5.72 20.10
C LEU A 570 -1.29 -6.77 20.15
N GLY A 571 -2.05 -6.86 19.05
CA GLY A 571 -3.12 -7.87 18.90
C GLY A 571 -2.79 -9.02 17.95
N ASN A 572 -1.50 -9.23 17.68
CA ASN A 572 -1.02 -10.37 16.89
C ASN A 572 -0.19 -11.32 17.75
N VAL A 573 -0.59 -12.61 17.80
CA VAL A 573 0.01 -13.59 18.72
C VAL A 573 1.52 -13.84 18.49
N TRP A 574 2.02 -13.48 17.32
CA TRP A 574 3.45 -13.64 16.99
C TRP A 574 4.34 -12.51 17.47
N PHE A 575 3.74 -11.42 17.94
CA PHE A 575 4.49 -10.27 18.47
C PHE A 575 4.99 -10.57 19.87
N ARG A 576 6.27 -10.27 20.12
CA ARG A 576 6.86 -10.46 21.45
C ARG A 576 6.05 -9.75 22.54
N TYR A 577 5.45 -8.60 22.20
CA TYR A 577 4.70 -7.81 23.19
C TYR A 577 3.19 -7.91 23.02
N TYR A 578 2.73 -9.02 22.43
CA TYR A 578 1.30 -9.30 22.33
C TYR A 578 0.61 -9.16 23.70
N ASP A 579 -0.47 -8.38 23.75
CA ASP A 579 -1.25 -8.26 24.99
C ASP A 579 -2.60 -7.67 24.62
N LEU A 580 -3.64 -8.48 24.69
CA LEU A 580 -4.98 -7.99 24.36
C LEU A 580 -5.47 -6.88 25.30
N ARG A 581 -4.92 -6.79 26.51
CA ARG A 581 -5.26 -5.71 27.43
C ARG A 581 -4.84 -4.36 26.82
N ASN A 582 -3.63 -4.35 26.26
CA ASN A 582 -3.12 -3.14 25.59
C ASN A 582 -3.79 -2.87 24.22
N ALA A 583 -3.99 -3.91 23.42
CA ALA A 583 -4.66 -3.75 22.11
C ALA A 583 -6.06 -3.15 22.32
N THR A 584 -6.79 -3.67 23.30
CA THR A 584 -8.17 -3.24 23.58
CA THR A 584 -8.16 -3.21 23.55
C THR A 584 -8.21 -1.88 24.29
N ALA A 585 -7.18 -1.58 25.09
CA ALA A 585 -7.08 -0.25 25.72
C ALA A 585 -7.09 0.84 24.65
N ILE A 586 -6.38 0.57 23.55
CA ILE A 586 -6.31 1.51 22.41
C ILE A 586 -7.67 1.65 21.73
N THR A 587 -8.23 0.52 21.28
CA THR A 587 -9.47 0.58 20.49
C THR A 587 -10.67 1.11 21.27
N THR A 588 -10.75 0.75 22.55
CA THR A 588 -11.87 1.17 23.41
C THR A 588 -11.78 2.67 23.73
N PHE A 589 -10.57 3.16 23.99
CA PHE A 589 -10.37 4.61 24.17
C PHE A 589 -10.82 5.38 22.92
N GLY A 590 -10.47 4.87 21.75
CA GLY A 590 -10.94 5.43 20.48
C GLY A 590 -12.46 5.53 20.36
N GLN A 591 -13.16 4.46 20.72
CA GLN A 591 -14.64 4.45 20.70
C GLN A 591 -15.20 5.57 21.58
N MET A 592 -14.65 5.68 22.79
CA MET A 592 -15.02 6.74 23.71
C MET A 592 -14.73 8.12 23.14
N ALA A 593 -13.52 8.32 22.60
CA ALA A 593 -13.10 9.64 22.12
C ALA A 593 -14.03 10.17 21.04
N LEU A 594 -14.41 9.30 20.11
CA LEU A 594 -15.29 9.67 19.00
C LEU A 594 -16.67 10.07 19.51
N GLN A 595 -17.25 9.23 20.36
CA GLN A 595 -18.59 9.47 20.88
C GLN A 595 -18.64 10.63 21.88
N TRP A 596 -17.57 10.79 22.67
CA TRP A 596 -17.43 11.93 23.57
C TRP A 596 -17.48 13.21 22.78
N ILE A 597 -16.66 13.30 21.73
CA ILE A 597 -16.61 14.56 20.99
C ILE A 597 -17.84 14.79 20.10
N GLU A 598 -18.51 13.73 19.66
CA GLU A 598 -19.81 13.89 18.98
C GLU A 598 -20.77 14.65 19.92
N ARG A 599 -20.80 14.23 21.18
CA ARG A 599 -21.64 14.89 22.21
C ARG A 599 -21.25 16.36 22.43
N LYS A 600 -19.96 16.63 22.57
CA LYS A 600 -19.47 18.00 22.80
C LYS A 600 -19.75 18.91 21.60
N VAL A 601 -19.58 18.38 20.39
CA VAL A 601 -19.85 19.17 19.18
C VAL A 601 -21.34 19.50 19.04
N ASN A 602 -22.21 18.52 19.25
CA ASN A 602 -23.66 18.76 19.25
C ASN A 602 -24.07 19.81 20.30
N GLU A 603 -23.52 19.67 21.50
CA GLU A 603 -23.82 20.60 22.59
C GLU A 603 -23.41 22.03 22.21
N TYR A 604 -22.19 22.18 21.68
CA TYR A 604 -21.68 23.50 21.28
C TYR A 604 -22.54 24.15 20.19
N LEU A 605 -22.87 23.39 19.15
CA LEU A 605 -23.62 23.95 18.03
C LEU A 605 -25.10 24.23 18.38
N ASN A 606 -25.71 23.40 19.22
CA ASN A 606 -27.06 23.69 19.72
C ASN A 606 -27.11 25.01 20.48
N GLU A 607 -26.06 25.29 21.24
CA GLU A 607 -25.89 26.55 21.97
C GLU A 607 -25.74 27.75 21.02
N VAL A 608 -24.84 27.65 20.05
CA VAL A 608 -24.66 28.75 19.08
C VAL A 608 -25.90 28.99 18.21
N CYS A 609 -26.69 27.94 17.96
CA CYS A 609 -27.91 28.05 17.14
C CYS A 609 -29.18 28.33 17.94
N GLY A 610 -29.11 28.14 19.25
CA GLY A 610 -30.24 28.39 20.13
C GLY A 610 -31.32 27.33 20.02
N THR A 611 -30.90 26.08 19.82
CA THR A 611 -31.83 24.95 19.76
C THR A 611 -31.54 23.95 20.89
N GLU A 612 -32.23 22.81 20.86
CA GLU A 612 -32.03 21.76 21.86
C GLU A 612 -32.26 20.38 21.25
N GLY A 613 -31.32 19.47 21.47
CA GLY A 613 -31.45 18.07 21.06
C GLY A 613 -31.28 17.76 19.59
N GLU A 614 -30.95 18.77 18.78
CA GLU A 614 -30.73 18.57 17.34
C GLU A 614 -29.35 17.96 17.04
N ALA A 615 -29.31 17.08 16.04
CA ALA A 615 -28.10 16.35 15.70
C ALA A 615 -27.33 17.03 14.56
N PHE A 616 -26.22 17.68 14.92
CA PHE A 616 -25.35 18.32 13.92
C PHE A 616 -24.34 17.32 13.36
N VAL A 617 -23.89 16.38 14.20
CA VAL A 617 -22.95 15.34 13.75
C VAL A 617 -23.76 14.25 13.04
N LEU A 618 -23.59 14.15 11.73
CA LEU A 618 -24.41 13.23 10.94
C LEU A 618 -23.77 11.86 10.76
N TYR A 619 -22.45 11.79 10.97
CA TYR A 619 -21.69 10.56 10.73
C TYR A 619 -20.34 10.65 11.39
N GLY A 620 -19.77 9.48 11.66
CA GLY A 620 -18.42 9.37 12.18
C GLY A 620 -17.93 7.94 12.00
N ASP A 621 -16.63 7.79 11.71
CA ASP A 621 -16.00 6.49 11.54
C ASP A 621 -14.62 6.52 12.20
N THR A 622 -14.52 5.82 13.31
CA THR A 622 -13.25 5.61 14.05
C THR A 622 -12.74 6.87 14.76
N ASP A 623 -12.43 7.93 14.01
CA ASP A 623 -11.79 9.12 14.58
C ASP A 623 -12.16 10.41 13.85
N SER A 624 -13.21 10.33 13.04
CA SER A 624 -13.64 11.47 12.24
C SER A 624 -15.12 11.76 12.47
N ILE A 625 -15.49 13.03 12.40
CA ILE A 625 -16.89 13.44 12.49
C ILE A 625 -17.24 14.30 11.29
N TYR A 626 -18.48 14.17 10.84
CA TYR A 626 -19.00 14.95 9.72
C TYR A 626 -20.16 15.79 10.24
N VAL A 627 -20.03 17.10 10.08
CA VAL A 627 -20.96 18.06 10.69
C VAL A 627 -21.77 18.78 9.61
N SER A 628 -23.08 18.76 9.77
CA SER A 628 -23.97 19.51 8.88
C SER A 628 -23.77 21.00 9.15
N ALA A 629 -23.43 21.75 8.10
CA ALA A 629 -23.22 23.19 8.23
C ALA A 629 -24.36 24.05 7.64
N ASP A 630 -25.45 23.41 7.21
CA ASP A 630 -26.61 24.14 6.63
C ASP A 630 -27.08 25.32 7.46
N LYS A 631 -27.26 25.09 8.76
CA LYS A 631 -27.78 26.11 9.66
C LYS A 631 -26.82 27.28 9.83
N ILE A 632 -25.52 27.00 9.75
CA ILE A 632 -24.47 28.03 9.83
C ILE A 632 -24.52 28.93 8.60
N ILE A 633 -24.57 28.31 7.41
CA ILE A 633 -24.73 29.05 6.16
C ILE A 633 -26.03 29.87 6.18
N ASP A 634 -27.13 29.24 6.63
CA ASP A 634 -28.45 29.91 6.67
C ASP A 634 -28.56 31.05 7.66
N LYS A 635 -27.72 31.07 8.69
CA LYS A 635 -27.69 32.20 9.62
C LYS A 635 -27.14 33.46 8.96
N VAL A 636 -26.22 33.27 8.03
CA VAL A 636 -25.73 34.36 7.18
C VAL A 636 -26.72 34.63 6.03
N GLY A 637 -27.17 33.56 5.38
CA GLY A 637 -28.07 33.66 4.22
C GLY A 637 -27.27 33.55 2.94
N GLU A 638 -27.66 32.62 2.06
CA GLU A 638 -26.90 32.34 0.84
C GLU A 638 -26.72 33.53 -0.09
N SER A 639 -27.72 34.40 -0.15
CA SER A 639 -27.70 35.58 -1.03
C SER A 639 -26.63 36.60 -0.63
N LYS A 640 -26.11 36.47 0.59
CA LYS A 640 -25.07 37.37 1.11
C LYS A 640 -23.65 37.03 0.65
N PHE A 641 -23.44 35.85 0.07
CA PHE A 641 -22.11 35.45 -0.41
C PHE A 641 -21.86 35.84 -1.86
N ARG A 642 -20.63 36.27 -2.16
CA ARG A 642 -20.27 36.74 -3.51
C ARG A 642 -20.11 35.61 -4.51
N ASP A 643 -19.55 34.49 -4.03
CA ASP A 643 -19.25 33.34 -4.87
C ASP A 643 -19.01 32.13 -3.94
N THR A 644 -18.77 30.96 -4.53
CA THR A 644 -18.52 29.74 -3.75
C THR A 644 -17.37 29.93 -2.77
N ASN A 645 -16.27 30.48 -3.26
CA ASN A 645 -15.07 30.65 -2.44
C ASN A 645 -15.33 31.52 -1.20
N HIS A 646 -16.30 32.43 -1.29
CA HIS A 646 -16.67 33.29 -0.15
C HIS A 646 -17.26 32.51 1.02
N TRP A 647 -18.22 31.62 0.75
CA TRP A 647 -18.75 30.77 1.86
C TRP A 647 -17.77 29.71 2.30
N VAL A 648 -16.90 29.26 1.40
CA VAL A 648 -15.83 28.32 1.79
C VAL A 648 -14.90 28.98 2.81
N ASP A 649 -14.50 30.23 2.54
CA ASP A 649 -13.71 31.03 3.48
C ASP A 649 -14.40 31.19 4.82
N PHE A 650 -15.71 31.46 4.78
CA PHE A 650 -16.49 31.70 5.99
C PHE A 650 -16.53 30.45 6.86
N LEU A 651 -16.79 29.31 6.24
CA LEU A 651 -16.77 28.04 6.97
C LEU A 651 -15.37 27.68 7.47
N ASP A 652 -14.34 27.97 6.67
CA ASP A 652 -12.96 27.71 7.10
C ASP A 652 -12.63 28.47 8.39
N LYS A 653 -13.05 29.75 8.43
CA LYS A 653 -12.82 30.59 9.61
C LYS A 653 -13.68 30.16 10.81
N PHE A 654 -14.94 29.82 10.56
CA PHE A 654 -15.81 29.30 11.63
C PHE A 654 -15.21 28.04 12.26
N ALA A 655 -14.74 27.12 11.43
CA ALA A 655 -14.12 25.88 11.92
C ALA A 655 -12.86 26.17 12.75
N ARG A 656 -12.03 27.10 12.27
CA ARG A 656 -10.76 27.38 12.92
C ARG A 656 -10.90 28.23 14.19
N GLU A 657 -11.80 29.22 14.18
CA GLU A 657 -11.88 30.19 15.27
C GLU A 657 -12.95 29.86 16.30
N ARG A 658 -13.91 29.04 15.93
CA ARG A 658 -15.00 28.70 16.85
C ARG A 658 -15.07 27.21 17.17
N MET A 659 -15.10 26.36 16.16
CA MET A 659 -15.27 24.92 16.41
C MET A 659 -14.05 24.20 16.99
N GLU A 660 -12.87 24.44 16.42
CA GLU A 660 -11.66 23.79 16.91
C GLU A 660 -11.34 24.14 18.39
N PRO A 661 -11.46 25.43 18.79
CA PRO A 661 -11.27 25.71 20.24
C PRO A 661 -12.29 25.02 21.14
N ALA A 662 -13.55 24.92 20.69
CA ALA A 662 -14.55 24.15 21.42
C ALA A 662 -14.20 22.66 21.51
N ILE A 663 -13.69 22.11 20.41
CA ILE A 663 -13.30 20.70 20.35
C ILE A 663 -12.12 20.46 21.31
N ASP A 664 -11.15 21.38 21.29
CA ASP A 664 -9.97 21.31 22.16
C ASP A 664 -10.37 21.29 23.64
N ARG A 665 -11.31 22.16 24.01
CA ARG A 665 -11.80 22.23 25.39
C ARG A 665 -12.45 20.92 25.78
N GLY A 666 -13.24 20.37 24.87
CA GLY A 666 -13.90 19.07 25.07
C GLY A 666 -12.90 17.94 25.32
N PHE A 667 -11.85 17.85 24.51
CA PHE A 667 -10.85 16.80 24.69
C PHE A 667 -9.97 17.00 25.92
N ARG A 668 -9.66 18.25 26.27
CA ARG A 668 -8.89 18.54 27.50
CA ARG A 668 -8.89 18.54 27.50
C ARG A 668 -9.64 18.04 28.74
N GLU A 669 -10.96 18.23 28.75
CA GLU A 669 -11.81 17.69 29.81
C GLU A 669 -11.78 16.15 29.85
N MET A 670 -11.78 15.52 28.67
CA MET A 670 -11.71 14.07 28.59
C MET A 670 -10.38 13.53 29.11
N CYS A 671 -9.27 14.21 28.79
CA CYS A 671 -7.94 13.87 29.30
C CYS A 671 -7.91 13.91 30.84
N GLU A 672 -8.55 14.91 31.42
CA GLU A 672 -8.60 15.07 32.88
C GLU A 672 -9.45 13.97 33.53
N TYR A 673 -10.58 13.66 32.90
CA TYR A 673 -11.48 12.59 33.34
C TYR A 673 -10.77 11.24 33.43
N MET A 674 -10.02 10.89 32.38
CA MET A 674 -9.24 9.65 32.33
C MET A 674 -7.87 9.76 33.01
N ASN A 675 -7.55 10.95 33.53
CA ASN A 675 -6.26 11.23 34.21
C ASN A 675 -5.05 10.87 33.34
N ASN A 676 -5.14 11.16 32.05
CA ASN A 676 -4.08 10.74 31.12
C ASN A 676 -2.78 11.53 31.30
N LYS A 677 -1.69 10.98 30.75
CA LYS A 677 -0.36 11.54 30.97
C LYS A 677 -0.19 12.88 30.24
N GLN A 678 -0.72 12.96 29.02
CA GLN A 678 -0.52 14.12 28.16
C GLN A 678 -1.68 14.24 27.16
N HIS A 679 -2.21 15.45 26.98
CA HIS A 679 -3.31 15.68 26.05
C HIS A 679 -2.79 15.72 24.63
N LEU A 680 -3.23 14.76 23.83
CA LEU A 680 -2.72 14.61 22.45
C LEU A 680 -3.84 14.34 21.47
N MET A 681 -5.09 14.57 21.90
CA MET A 681 -6.23 14.38 20.99
C MET A 681 -6.41 15.68 20.22
N PHE A 682 -5.83 15.73 19.01
CA PHE A 682 -5.84 16.95 18.22
C PHE A 682 -6.73 16.73 17.01
N MET A 683 -7.90 17.36 17.03
CA MET A 683 -8.89 17.16 15.99
C MET A 683 -9.06 18.45 15.19
N ASP A 684 -8.58 18.41 13.96
CA ASP A 684 -8.58 19.57 13.07
C ASP A 684 -9.57 19.38 11.94
N ARG A 685 -10.00 20.49 11.37
CA ARG A 685 -10.92 20.46 10.23
C ARG A 685 -10.25 19.75 9.04
N GLU A 686 -10.99 18.82 8.42
CA GLU A 686 -10.51 18.13 7.23
C GLU A 686 -11.14 18.74 5.98
N ALA A 687 -12.40 18.40 5.70
CA ALA A 687 -13.03 18.80 4.44
C ALA A 687 -14.09 19.90 4.63
N ILE A 688 -14.22 20.78 3.64
CA ILE A 688 -15.36 21.69 3.51
C ILE A 688 -16.04 21.33 2.20
N ALA A 689 -17.30 20.93 2.28
CA ALA A 689 -18.04 20.43 1.12
C ALA A 689 -19.39 21.13 0.94
N GLY A 690 -19.83 21.21 -0.30
CA GLY A 690 -21.12 21.81 -0.64
C GLY A 690 -21.29 21.96 -2.14
N PRO A 691 -22.51 22.32 -2.59
CA PRO A 691 -22.75 22.55 -4.02
C PRO A 691 -22.15 23.89 -4.46
N PRO A 692 -21.87 24.03 -5.77
CA PRO A 692 -21.48 25.35 -6.29
C PRO A 692 -22.57 26.39 -6.01
N LEU A 693 -22.17 27.59 -5.58
CA LEU A 693 -23.13 28.64 -5.25
C LEU A 693 -24.07 28.93 -6.43
N GLY A 694 -25.38 28.94 -6.17
CA GLY A 694 -26.38 29.20 -7.19
C GLY A 694 -26.80 28.01 -8.05
N SER A 695 -26.19 26.85 -7.82
CA SER A 695 -26.51 25.65 -8.60
C SER A 695 -27.64 24.84 -7.96
N LYS A 696 -28.09 23.81 -8.67
CA LYS A 696 -29.04 22.85 -8.11
C LYS A 696 -28.34 21.58 -7.60
N GLY A 697 -27.02 21.63 -7.43
CA GLY A 697 -26.27 20.47 -6.90
C GLY A 697 -26.67 20.14 -5.48
N ILE A 698 -26.59 18.88 -5.08
CA ILE A 698 -27.04 18.48 -3.74
C ILE A 698 -25.91 18.52 -2.69
N GLY A 699 -24.67 18.69 -3.16
CA GLY A 699 -23.53 18.82 -2.25
C GLY A 699 -22.92 17.49 -1.85
N GLY A 700 -23.72 16.62 -1.25
CA GLY A 700 -23.24 15.34 -0.74
C GLY A 700 -24.39 14.39 -0.43
N PHE A 701 -24.08 13.11 -0.23
CA PHE A 701 -25.05 12.11 0.26
C PHE A 701 -24.35 10.93 0.94
N TRP A 702 -25.08 10.28 1.84
CA TRP A 702 -24.69 9.02 2.47
C TRP A 702 -25.72 7.99 2.14
N THR A 703 -25.28 6.75 1.88
CA THR A 703 -26.23 5.63 1.73
C THR A 703 -26.21 4.71 2.95
N GLY A 704 -25.12 4.74 3.70
CA GLY A 704 -24.94 3.81 4.82
C GLY A 704 -23.56 3.98 5.41
N LYS A 705 -23.19 3.11 6.35
CA LYS A 705 -21.83 3.12 6.91
C LYS A 705 -20.82 2.89 5.79
N LYS A 706 -19.76 3.71 5.79
CA LYS A 706 -18.62 3.57 4.87
C LYS A 706 -19.01 3.73 3.40
N ARG A 707 -20.08 4.50 3.14
CA ARG A 707 -20.61 4.70 1.78
C ARG A 707 -21.18 6.13 1.62
N TYR A 708 -20.40 7.03 1.03
CA TYR A 708 -20.81 8.44 0.91
C TYR A 708 -20.03 9.15 -0.18
N ALA A 709 -20.50 10.33 -0.56
CA ALA A 709 -19.85 11.13 -1.60
C ALA A 709 -20.00 12.60 -1.23
N LEU A 710 -18.93 13.37 -1.39
CA LEU A 710 -18.93 14.80 -1.06
C LEU A 710 -18.24 15.61 -2.14
N ASN A 711 -18.81 16.78 -2.44
CA ASN A 711 -18.18 17.74 -3.33
C ASN A 711 -17.29 18.72 -2.53
N VAL A 712 -15.98 18.49 -2.56
CA VAL A 712 -15.04 19.15 -1.65
C VAL A 712 -14.31 20.31 -2.32
N TRP A 713 -14.26 21.44 -1.61
CA TRP A 713 -13.57 22.65 -2.07
C TRP A 713 -12.25 22.87 -1.40
N ASP A 714 -12.12 22.37 -0.17
CA ASP A 714 -10.91 22.54 0.61
C ASP A 714 -10.66 21.29 1.44
N MET A 715 -9.44 20.76 1.35
CA MET A 715 -9.08 19.56 2.09
C MET A 715 -7.77 19.79 2.82
N GLU A 716 -7.86 19.77 4.16
CA GLU A 716 -6.71 19.95 5.04
C GLU A 716 -5.84 21.17 4.66
N GLY A 717 -6.50 22.24 4.21
CA GLY A 717 -5.80 23.49 3.89
C GLY A 717 -5.39 23.68 2.43
N THR A 718 -5.66 22.68 1.59
CA THR A 718 -5.50 22.81 0.16
C THR A 718 -6.81 23.31 -0.45
N ARG A 719 -6.79 24.52 -1.00
CA ARG A 719 -7.95 25.10 -1.67
C ARG A 719 -7.87 24.77 -3.16
N TYR A 720 -8.75 23.88 -3.61
CA TYR A 720 -8.67 23.35 -4.98
C TYR A 720 -9.00 24.38 -6.05
N ALA A 721 -8.26 24.32 -7.15
CA ALA A 721 -8.58 25.11 -8.34
C ALA A 721 -9.96 24.70 -8.87
N GLU A 722 -10.27 23.40 -8.78
CA GLU A 722 -11.58 22.88 -9.19
C GLU A 722 -12.10 21.94 -8.10
N PRO A 723 -13.42 21.94 -7.85
CA PRO A 723 -13.95 21.07 -6.79
C PRO A 723 -13.59 19.61 -7.05
N LYS A 724 -13.35 18.85 -5.99
CA LYS A 724 -12.91 17.46 -6.11
C LYS A 724 -13.92 16.55 -5.41
N LEU A 725 -14.29 15.45 -6.06
CA LEU A 725 -15.20 14.50 -5.44
C LEU A 725 -14.45 13.64 -4.46
N LYS A 726 -14.95 13.60 -3.23
CA LYS A 726 -14.44 12.65 -2.26
C LYS A 726 -15.49 11.54 -2.16
N ILE A 727 -15.19 10.39 -2.74
CA ILE A 727 -16.16 9.28 -2.77
C ILE A 727 -15.56 8.13 -1.99
N MET A 728 -16.29 7.67 -0.98
CA MET A 728 -15.80 6.55 -0.16
C MET A 728 -16.76 5.38 -0.25
N GLY A 729 -16.22 4.20 -0.57
CA GLY A 729 -16.95 2.93 -0.44
C GLY A 729 -17.86 2.57 -1.62
N LEU A 730 -18.37 3.59 -2.31
CA LEU A 730 -19.25 3.38 -3.45
C LEU A 730 -18.53 2.64 -4.57
N GLU A 731 -19.30 2.07 -5.50
CA GLU A 731 -18.77 1.18 -6.54
C GLU A 731 -17.70 1.83 -7.42
N THR A 732 -17.71 3.16 -7.52
CA THR A 732 -16.67 3.89 -8.25
C THR A 732 -15.27 3.59 -7.70
N GLN A 733 -15.22 3.20 -6.43
CA GLN A 733 -13.96 3.01 -5.68
C GLN A 733 -13.50 1.55 -5.61
N LYS A 734 -14.27 0.63 -6.18
CA LYS A 734 -14.02 -0.81 -6.03
C LYS A 734 -13.38 -1.38 -7.28
N SER A 735 -12.28 -2.12 -7.11
CA SER A 735 -11.59 -2.75 -8.23
C SER A 735 -12.42 -3.83 -8.95
N SER A 736 -13.44 -4.36 -8.26
CA SER A 736 -14.35 -5.35 -8.84
C SER A 736 -15.31 -4.76 -9.88
N THR A 737 -15.53 -3.44 -9.84
CA THR A 737 -16.43 -2.72 -10.74
C THR A 737 -15.80 -2.51 -12.12
N PRO A 738 -16.51 -2.83 -13.23
CA PRO A 738 -15.93 -2.63 -14.56
C PRO A 738 -15.40 -1.20 -14.76
N LYS A 739 -14.30 -1.06 -15.50
CA LYS A 739 -13.66 0.26 -15.66
C LYS A 739 -14.60 1.34 -16.22
N ALA A 740 -15.36 0.98 -17.25
CA ALA A 740 -16.24 1.95 -17.90
C ALA A 740 -17.42 2.32 -17.01
N VAL A 741 -17.81 1.39 -16.15
CA VAL A 741 -18.91 1.59 -15.19
C VAL A 741 -18.49 2.48 -14.01
N GLN A 742 -17.27 2.31 -13.52
CA GLN A 742 -16.68 3.24 -12.54
C GLN A 742 -16.77 4.66 -13.08
N LYS A 743 -16.36 4.83 -14.34
CA LYS A 743 -16.33 6.13 -15.00
C LYS A 743 -17.74 6.73 -15.10
N ALA A 744 -18.70 5.93 -15.58
CA ALA A 744 -20.09 6.38 -15.71
C ALA A 744 -20.75 6.69 -14.36
N LEU A 745 -20.54 5.82 -13.37
CA LEU A 745 -21.09 6.08 -12.03
C LEU A 745 -20.48 7.34 -11.41
N LYS A 746 -19.18 7.58 -11.64
CA LYS A 746 -18.55 8.82 -11.15
C LYS A 746 -19.16 10.07 -11.77
N GLU A 747 -19.44 10.02 -13.07
CA GLU A 747 -20.07 11.15 -13.72
C GLU A 747 -21.51 11.38 -13.22
N CYS A 748 -22.22 10.29 -12.91
CA CYS A 748 -23.57 10.41 -12.33
C CYS A 748 -23.48 11.11 -10.97
N ILE A 749 -22.51 10.70 -10.16
CA ILE A 749 -22.31 11.32 -8.86
C ILE A 749 -21.92 12.79 -9.01
N ARG A 750 -20.99 13.10 -9.91
CA ARG A 750 -20.58 14.48 -10.13
C ARG A 750 -21.78 15.35 -10.47
N ARG A 751 -22.62 14.86 -11.38
CA ARG A 751 -23.82 15.60 -11.79
C ARG A 751 -24.80 15.81 -10.64
N MET A 752 -25.06 14.75 -9.86
CA MET A 752 -25.90 14.87 -8.65
C MET A 752 -25.40 15.95 -7.70
N LEU A 753 -24.11 15.91 -7.36
CA LEU A 753 -23.52 16.82 -6.36
C LEU A 753 -23.35 18.26 -6.84
N GLN A 754 -23.08 18.44 -8.13
CA GLN A 754 -22.69 19.76 -8.65
C GLN A 754 -23.78 20.45 -9.47
N GLU A 755 -24.65 19.67 -10.08
CA GLU A 755 -25.57 20.21 -11.09
C GLU A 755 -27.04 19.93 -10.79
N GLY A 756 -27.33 18.75 -10.25
CA GLY A 756 -28.70 18.43 -9.82
C GLY A 756 -29.38 17.31 -10.58
N GLU A 757 -30.66 17.12 -10.26
CA GLU A 757 -31.45 15.98 -10.75
C GLU A 757 -31.60 15.91 -12.28
N GLU A 758 -31.90 17.06 -12.90
CA GLU A 758 -32.14 17.11 -14.34
C GLU A 758 -30.88 16.71 -15.12
N SER A 759 -29.74 17.16 -14.64
CA SER A 759 -28.46 16.83 -15.25
C SER A 759 -28.16 15.32 -15.18
N LEU A 760 -28.44 14.73 -14.02
CA LEU A 760 -28.30 13.29 -13.80
C LEU A 760 -29.17 12.51 -14.78
N GLN A 761 -30.42 12.93 -14.93
CA GLN A 761 -31.37 12.22 -15.81
C GLN A 761 -30.91 12.24 -17.28
N GLU A 762 -30.36 13.38 -17.70
CA GLU A 762 -29.83 13.55 -19.04
C GLU A 762 -28.67 12.56 -19.31
N TYR A 763 -27.76 12.42 -18.37
CA TYR A 763 -26.60 11.54 -18.55
C TYR A 763 -26.99 10.07 -18.52
N PHE A 764 -27.89 9.72 -17.60
CA PHE A 764 -28.33 8.36 -17.48
C PHE A 764 -28.95 7.88 -18.80
N LYS A 765 -29.81 8.71 -19.38
CA LYS A 765 -30.52 8.34 -20.61
C LYS A 765 -29.50 8.03 -21.71
N GLU A 766 -28.44 8.84 -21.80
CA GLU A 766 -27.42 8.62 -22.82
C GLU A 766 -26.59 7.36 -22.57
N PHE A 767 -26.16 7.13 -21.32
CA PHE A 767 -25.34 5.95 -21.03
C PHE A 767 -26.08 4.66 -21.37
N GLU A 768 -27.35 4.58 -20.96
CA GLU A 768 -28.20 3.42 -21.21
C GLU A 768 -28.35 3.11 -22.70
N LYS A 769 -28.42 4.17 -23.50
CA LYS A 769 -28.59 4.03 -24.94
C LYS A 769 -27.31 3.56 -25.65
N GLU A 770 -26.15 3.97 -25.13
CA GLU A 770 -24.89 3.80 -25.87
C GLU A 770 -23.95 2.70 -25.37
N PHE A 771 -24.20 2.18 -24.16
CA PHE A 771 -23.19 1.37 -23.47
C PHE A 771 -22.79 0.06 -24.17
N ARG A 772 -23.65 -0.45 -25.05
CA ARG A 772 -23.36 -1.70 -25.76
C ARG A 772 -22.18 -1.61 -26.73
N GLN A 773 -21.76 -0.38 -27.03
CA GLN A 773 -20.61 -0.14 -27.88
C GLN A 773 -19.29 -0.19 -27.10
N LEU A 774 -19.37 -0.19 -25.77
CA LEU A 774 -18.17 -0.22 -24.95
C LEU A 774 -17.38 -1.52 -25.13
N ASN A 775 -16.07 -1.41 -25.16
CA ASN A 775 -15.19 -2.56 -25.33
C ASN A 775 -15.42 -3.59 -24.21
N TYR A 776 -15.45 -4.87 -24.58
CA TYR A 776 -15.79 -5.93 -23.62
C TYR A 776 -14.95 -5.95 -22.34
N ILE A 777 -13.65 -5.65 -22.45
CA ILE A 777 -12.79 -5.59 -21.26
C ILE A 777 -13.23 -4.49 -20.30
N SER A 778 -13.66 -3.36 -20.84
CA SER A 778 -14.08 -2.21 -20.03
C SER A 778 -15.41 -2.42 -19.29
N ILE A 779 -16.18 -3.41 -19.72
CA ILE A 779 -17.47 -3.71 -19.06
C ILE A 779 -17.48 -5.06 -18.31
N ALA A 780 -16.33 -5.74 -18.28
CA ALA A 780 -16.14 -6.94 -17.46
C ALA A 780 -15.92 -6.63 -15.98
N SER A 781 -16.55 -7.41 -15.10
CA SER A 781 -16.30 -7.33 -13.65
C SER A 781 -14.97 -8.01 -13.36
N VAL A 782 -14.42 -7.79 -12.15
CA VAL A 782 -13.12 -8.36 -11.77
C VAL A 782 -13.27 -9.02 -10.41
N SER A 783 -12.57 -10.13 -10.21
CA SER A 783 -12.57 -10.79 -8.90
C SER A 783 -11.31 -11.60 -8.74
N SER A 784 -10.77 -11.63 -7.52
CA SER A 784 -9.78 -12.65 -7.14
C SER A 784 -10.49 -14.00 -7.22
N ALA A 785 -9.72 -15.03 -7.56
CA ALA A 785 -10.28 -16.37 -7.71
C ALA A 785 -9.53 -17.38 -6.85
N ASN A 786 -10.10 -17.70 -5.70
CA ASN A 786 -9.52 -18.71 -4.82
C ASN A 786 -10.31 -20.01 -4.88
N ASN A 787 -9.65 -21.12 -4.54
CA ASN A 787 -10.30 -22.44 -4.41
C ASN A 787 -11.01 -22.94 -5.66
N ILE A 788 -10.41 -22.73 -6.83
CA ILE A 788 -11.01 -23.23 -8.07
C ILE A 788 -11.24 -24.74 -7.97
N ALA A 789 -10.26 -25.47 -7.40
CA ALA A 789 -10.32 -26.93 -7.24
C ALA A 789 -11.48 -27.40 -6.34
N LYS A 790 -11.73 -26.68 -5.26
CA LYS A 790 -12.79 -27.02 -4.29
C LYS A 790 -14.19 -27.15 -4.94
N TYR A 791 -14.45 -26.29 -5.92
CA TYR A 791 -15.77 -26.19 -6.53
C TYR A 791 -15.89 -26.88 -7.90
N ASP A 792 -14.81 -27.52 -8.32
CA ASP A 792 -14.73 -28.19 -9.62
C ASP A 792 -15.12 -29.67 -9.48
N VAL A 793 -16.27 -30.03 -10.02
CA VAL A 793 -16.74 -31.43 -10.02
C VAL A 793 -16.86 -31.94 -11.45
N GLY A 794 -15.81 -32.64 -11.90
CA GLY A 794 -15.72 -33.12 -13.27
C GLY A 794 -15.82 -32.02 -14.30
N GLY A 795 -15.32 -30.83 -13.95
CA GLY A 795 -15.34 -29.68 -14.85
C GLY A 795 -16.58 -28.82 -14.75
N PHE A 796 -17.47 -29.17 -13.82
CA PHE A 796 -18.74 -28.46 -13.63
C PHE A 796 -18.87 -27.94 -12.19
N PRO A 797 -19.68 -26.89 -11.98
CA PRO A 797 -19.81 -26.27 -10.64
C PRO A 797 -20.37 -27.20 -9.57
N GLY A 798 -19.67 -27.30 -8.46
CA GLY A 798 -20.19 -28.03 -7.29
C GLY A 798 -21.14 -27.18 -6.47
N PRO A 799 -21.66 -27.73 -5.36
CA PRO A 799 -22.59 -27.00 -4.49
C PRO A 799 -22.00 -25.67 -3.99
N LYS A 800 -22.82 -24.62 -4.01
CA LYS A 800 -22.41 -23.29 -3.51
C LYS A 800 -21.28 -22.64 -4.32
N CYS A 801 -21.12 -23.04 -5.59
CA CYS A 801 -20.04 -22.49 -6.41
C CYS A 801 -20.24 -20.98 -6.63
N PRO A 802 -19.22 -20.18 -6.29
CA PRO A 802 -19.31 -18.73 -6.51
C PRO A 802 -19.41 -18.40 -8.01
N PHE A 803 -20.05 -17.28 -8.31
CA PHE A 803 -20.27 -16.83 -9.69
C PHE A 803 -18.99 -16.73 -10.51
N HIS A 804 -17.96 -16.09 -9.95
CA HIS A 804 -16.70 -15.98 -10.70
C HIS A 804 -16.00 -17.29 -10.91
N ILE A 805 -16.14 -18.23 -9.98
CA ILE A 805 -15.53 -19.56 -10.12
C ILE A 805 -16.27 -20.36 -11.20
N ARG A 806 -17.60 -20.25 -11.21
CA ARG A 806 -18.42 -20.82 -12.28
C ARG A 806 -17.93 -20.37 -13.66
N GLY A 807 -17.59 -19.08 -13.76
CA GLY A 807 -17.08 -18.52 -15.00
C GLY A 807 -15.75 -19.14 -15.42
N ILE A 808 -14.90 -19.42 -14.43
CA ILE A 808 -13.62 -20.06 -14.69
C ILE A 808 -13.80 -21.50 -15.21
N LEU A 809 -14.71 -22.24 -14.58
CA LEU A 809 -14.99 -23.60 -15.01
C LEU A 809 -15.52 -23.61 -16.45
N THR A 810 -16.37 -22.64 -16.78
CA THR A 810 -16.86 -22.47 -18.15
C THR A 810 -15.70 -22.29 -19.14
N TYR A 811 -14.78 -21.38 -18.79
CA TYR A 811 -13.57 -21.12 -19.56
C TYR A 811 -12.73 -22.38 -19.75
N ASN A 812 -12.51 -23.11 -18.65
CA ASN A 812 -11.71 -24.33 -18.71
C ASN A 812 -12.27 -25.38 -19.68
N ARG A 813 -13.60 -25.55 -19.71
CA ARG A 813 -14.26 -26.47 -20.66
C ARG A 813 -14.10 -26.00 -22.09
N ALA A 814 -14.21 -24.69 -22.31
CA ALA A 814 -14.07 -24.09 -23.64
C ALA A 814 -12.67 -24.19 -24.24
N ILE A 815 -11.63 -24.22 -23.40
CA ILE A 815 -10.25 -24.29 -23.88
C ILE A 815 -9.63 -25.69 -23.76
N LYS A 816 -10.43 -26.64 -23.29
CA LYS A 816 -9.97 -28.00 -23.01
C LYS A 816 -9.13 -28.59 -24.14
N GLY A 817 -8.00 -29.20 -23.77
CA GLY A 817 -7.13 -29.87 -24.73
C GLY A 817 -5.99 -29.01 -25.24
N ASN A 818 -6.24 -27.71 -25.33
CA ASN A 818 -5.24 -26.76 -25.83
CA ASN A 818 -5.25 -26.76 -25.83
C ASN A 818 -4.16 -26.46 -24.79
N ILE A 819 -2.92 -26.84 -25.10
CA ILE A 819 -1.79 -26.68 -24.19
C ILE A 819 -1.27 -25.23 -24.14
N ASP A 820 -1.61 -24.45 -25.17
CA ASP A 820 -1.10 -23.08 -25.32
C ASP A 820 -2.05 -21.97 -24.83
N ALA A 821 -3.32 -22.32 -24.58
CA ALA A 821 -4.30 -21.36 -24.06
C ALA A 821 -3.89 -20.88 -22.68
N PRO A 822 -4.06 -19.57 -22.39
CA PRO A 822 -3.72 -19.03 -21.07
C PRO A 822 -4.51 -19.71 -19.96
N GLN A 823 -3.82 -20.21 -18.95
CA GLN A 823 -4.48 -20.86 -17.82
C GLN A 823 -4.81 -19.82 -16.77
N VAL A 824 -5.96 -20.00 -16.13
CA VAL A 824 -6.31 -19.21 -14.96
C VAL A 824 -5.46 -19.71 -13.79
N VAL A 825 -4.77 -18.80 -13.12
CA VAL A 825 -3.89 -19.14 -12.00
C VAL A 825 -4.62 -18.97 -10.67
N GLU A 826 -4.67 -20.05 -9.90
CA GLU A 826 -5.21 -20.03 -8.54
C GLU A 826 -4.71 -18.81 -7.76
N GLY A 827 -5.65 -18.05 -7.19
CA GLY A 827 -5.31 -16.90 -6.34
C GLY A 827 -5.13 -15.56 -7.04
N GLU A 828 -5.12 -15.56 -8.37
CA GLU A 828 -4.96 -14.31 -9.13
C GLU A 828 -6.33 -13.76 -9.56
N LYS A 829 -6.35 -12.71 -10.36
CA LYS A 829 -7.63 -12.08 -10.71
C LYS A 829 -8.12 -12.44 -12.11
N VAL A 830 -9.44 -12.49 -12.25
CA VAL A 830 -10.07 -12.79 -13.53
C VAL A 830 -11.05 -11.68 -13.92
N TYR A 831 -11.22 -11.46 -15.23
CA TYR A 831 -12.37 -10.73 -15.76
C TYR A 831 -13.55 -11.69 -15.84
N VAL A 832 -14.77 -11.17 -15.65
CA VAL A 832 -15.98 -11.98 -15.66
C VAL A 832 -17.06 -11.29 -16.50
N LEU A 833 -17.71 -12.03 -17.38
CA LEU A 833 -18.84 -11.55 -18.16
C LEU A 833 -20.03 -12.51 -18.06
N PRO A 834 -21.26 -11.97 -17.97
CA PRO A 834 -22.45 -12.81 -18.06
C PRO A 834 -22.73 -13.24 -19.51
N LEU A 835 -23.33 -14.42 -19.67
CA LEU A 835 -23.65 -15.01 -20.97
C LEU A 835 -25.15 -15.17 -21.15
N ARG A 836 -25.67 -14.86 -22.34
CA ARG A 836 -27.11 -14.99 -22.61
C ARG A 836 -27.58 -16.45 -22.65
N GLU A 837 -28.86 -16.66 -22.35
CA GLU A 837 -29.51 -17.97 -22.40
C GLU A 837 -29.23 -18.70 -23.73
N GLY A 838 -28.87 -19.98 -23.64
CA GLY A 838 -28.71 -20.82 -24.82
C GLY A 838 -27.43 -20.62 -25.61
N ASN A 839 -26.41 -20.05 -24.96
CA ASN A 839 -25.08 -19.89 -25.54
C ASN A 839 -24.35 -21.24 -25.64
N PRO A 840 -23.35 -21.33 -26.55
CA PRO A 840 -22.61 -22.58 -26.77
C PRO A 840 -21.64 -22.97 -25.66
N PHE A 841 -21.42 -22.09 -24.68
CA PHE A 841 -20.53 -22.40 -23.55
C PHE A 841 -21.23 -23.22 -22.47
N GLY A 842 -22.55 -23.28 -22.57
CA GLY A 842 -23.36 -24.09 -21.67
C GLY A 842 -23.49 -23.59 -20.24
N ASP A 843 -23.23 -22.30 -20.00
CA ASP A 843 -23.44 -21.71 -18.66
C ASP A 843 -23.65 -20.18 -18.70
N LYS A 844 -23.97 -19.60 -17.54
CA LYS A 844 -24.45 -18.21 -17.47
C LYS A 844 -23.37 -17.14 -17.39
N CYS A 845 -22.11 -17.56 -17.33
CA CYS A 845 -21.00 -16.62 -17.30
C CYS A 845 -19.69 -17.29 -17.71
N ILE A 846 -18.71 -16.47 -18.05
CA ILE A 846 -17.35 -16.91 -18.38
C ILE A 846 -16.32 -15.95 -17.77
N ALA A 847 -15.16 -16.49 -17.41
CA ALA A 847 -14.10 -15.71 -16.77
C ALA A 847 -12.75 -16.09 -17.38
N TRP A 848 -11.84 -15.11 -17.46
CA TRP A 848 -10.51 -15.35 -18.01
C TRP A 848 -9.49 -14.48 -17.30
N PRO A 849 -8.17 -14.74 -17.47
CA PRO A 849 -7.19 -14.00 -16.67
C PRO A 849 -7.28 -12.49 -16.86
N SER A 850 -7.25 -11.74 -15.77
CA SER A 850 -7.38 -10.28 -15.83
C SER A 850 -6.15 -9.63 -16.46
N GLY A 851 -6.34 -8.44 -17.02
CA GLY A 851 -5.27 -7.73 -17.71
C GLY A 851 -4.94 -8.25 -19.09
N THR A 852 -5.69 -9.26 -19.55
CA THR A 852 -5.47 -9.88 -20.87
C THR A 852 -6.71 -9.85 -21.75
N GLU A 853 -6.49 -9.93 -23.06
CA GLU A 853 -7.53 -10.24 -24.03
C GLU A 853 -7.87 -11.72 -23.92
N ILE A 854 -9.16 -12.07 -24.00
CA ILE A 854 -9.55 -13.48 -24.01
C ILE A 854 -9.03 -14.14 -25.29
N THR A 855 -8.59 -15.39 -25.18
CA THR A 855 -7.96 -16.10 -26.31
C THR A 855 -8.81 -16.08 -27.59
N ASP A 856 -8.15 -15.96 -28.74
CA ASP A 856 -8.82 -15.78 -30.05
C ASP A 856 -9.81 -16.89 -30.41
N LEU A 857 -9.49 -18.11 -29.98
CA LEU A 857 -10.36 -19.29 -30.17
C LEU A 857 -11.83 -19.05 -29.77
N ILE A 858 -12.04 -18.41 -28.62
CA ILE A 858 -13.39 -18.24 -28.09
C ILE A 858 -13.87 -16.78 -28.05
N LYS A 859 -12.97 -15.84 -28.34
CA LYS A 859 -13.30 -14.42 -28.27
C LYS A 859 -14.53 -14.06 -29.10
N ASP A 860 -14.56 -14.53 -30.35
CA ASP A 860 -15.71 -14.29 -31.23
C ASP A 860 -17.02 -14.71 -30.58
N ASP A 861 -17.06 -15.92 -30.03
CA ASP A 861 -18.27 -16.43 -29.37
C ASP A 861 -18.63 -15.68 -28.09
N VAL A 862 -17.63 -15.26 -27.33
CA VAL A 862 -17.88 -14.47 -26.12
C VAL A 862 -18.57 -13.16 -26.48
N LEU A 863 -17.99 -12.44 -27.44
CA LEU A 863 -18.57 -11.15 -27.88
C LEU A 863 -20.02 -11.29 -28.37
N HIS A 864 -20.29 -12.36 -29.12
CA HIS A 864 -21.61 -12.60 -29.67
C HIS A 864 -22.64 -12.92 -28.62
N TRP A 865 -22.22 -13.56 -27.53
CA TRP A 865 -23.14 -14.05 -26.49
C TRP A 865 -23.15 -13.28 -25.18
N MET A 866 -22.28 -12.29 -25.05
CA MET A 866 -22.25 -11.38 -23.89
C MET A 866 -23.63 -10.85 -23.55
N ASP A 867 -24.01 -10.91 -22.27
CA ASP A 867 -25.34 -10.44 -21.86
C ASP A 867 -25.28 -8.99 -21.35
N TYR A 868 -25.45 -8.05 -22.29
CA TYR A 868 -25.39 -6.62 -21.99
C TYR A 868 -26.49 -6.15 -21.02
N THR A 869 -27.67 -6.75 -21.11
CA THR A 869 -28.79 -6.36 -20.25
C THR A 869 -28.48 -6.68 -18.77
N VAL A 870 -27.97 -7.88 -18.53
CA VAL A 870 -27.60 -8.32 -17.17
C VAL A 870 -26.43 -7.48 -16.63
N LEU A 871 -25.43 -7.27 -17.48
CA LEU A 871 -24.26 -6.47 -17.14
C LEU A 871 -24.68 -5.07 -16.64
N LEU A 872 -25.54 -4.41 -17.40
CA LEU A 872 -26.03 -3.08 -17.07
C LEU A 872 -26.81 -3.03 -15.76
N GLU A 873 -27.72 -4.00 -15.58
CA GLU A 873 -28.57 -4.02 -14.39
C GLU A 873 -27.75 -4.22 -13.13
N LYS A 874 -26.83 -5.17 -13.17
CA LYS A 874 -26.02 -5.53 -12.03
C LYS A 874 -24.95 -4.52 -11.65
N THR A 875 -24.22 -4.00 -12.64
CA THR A 875 -23.06 -3.15 -12.34
C THR A 875 -23.36 -1.65 -12.32
N PHE A 876 -24.41 -1.23 -13.03
CA PHE A 876 -24.72 0.19 -13.18
C PHE A 876 -26.06 0.61 -12.55
N ILE A 877 -27.16 -0.01 -12.98
CA ILE A 877 -28.50 0.39 -12.52
C ILE A 877 -28.69 0.16 -11.02
N LYS A 878 -28.35 -1.03 -10.54
CA LYS A 878 -28.52 -1.35 -9.13
C LYS A 878 -27.76 -0.38 -8.19
N PRO A 879 -26.45 -0.15 -8.42
CA PRO A 879 -25.77 0.85 -7.58
C PRO A 879 -26.33 2.25 -7.73
N LEU A 880 -26.64 2.66 -8.96
CA LEU A 880 -27.23 3.98 -9.16
C LEU A 880 -28.56 4.14 -8.42
N GLU A 881 -29.42 3.11 -8.47
CA GLU A 881 -30.67 3.11 -7.70
C GLU A 881 -30.42 3.32 -6.22
N GLY A 882 -29.35 2.70 -5.71
CA GLY A 882 -28.92 2.91 -4.33
C GLY A 882 -28.52 4.35 -4.04
N PHE A 883 -27.73 4.97 -4.93
CA PHE A 883 -27.30 6.37 -4.75
C PHE A 883 -28.48 7.34 -4.73
N THR A 884 -29.36 7.18 -5.72
CA THR A 884 -30.47 8.11 -5.92
C THR A 884 -31.57 8.00 -4.87
N SER A 885 -31.88 6.78 -4.44
CA SER A 885 -32.85 6.56 -3.36
CA SER A 885 -32.85 6.59 -3.38
C SER A 885 -32.35 7.21 -2.08
N ALA A 886 -31.05 7.03 -1.78
CA ALA A 886 -30.48 7.64 -0.59
C ALA A 886 -30.59 9.17 -0.67
N ALA A 887 -30.28 9.73 -1.84
CA ALA A 887 -30.27 11.18 -2.03
C ALA A 887 -31.64 11.80 -2.32
N LYS A 888 -32.68 10.97 -2.35
CA LYS A 888 -34.08 11.40 -2.59
C LYS A 888 -34.24 12.08 -3.94
N LEU A 889 -33.72 11.43 -4.98
CA LEU A 889 -33.65 11.91 -6.36
CA LEU A 889 -33.92 11.94 -6.32
C LEU A 889 -34.10 10.81 -7.32
N ASP A 890 -34.51 11.16 -8.54
CA ASP A 890 -34.83 10.15 -9.55
C ASP A 890 -33.88 10.21 -10.75
N TYR A 891 -33.37 9.06 -11.17
CA TYR A 891 -32.49 9.02 -12.35
C TYR A 891 -33.28 8.98 -13.66
N GLU A 892 -34.60 8.80 -13.55
CA GLU A 892 -35.51 8.90 -14.68
C GLU A 892 -36.64 9.87 -14.36
N LYS A 893 -36.95 10.74 -15.32
CA LYS A 893 -38.00 11.75 -15.13
C LYS A 893 -39.40 11.13 -14.95
N LYS A 894 -40.05 11.47 -13.85
CA LYS A 894 -41.41 11.00 -13.58
C LYS A 894 -42.46 11.86 -14.28
N ALA A 895 -43.59 11.23 -14.62
CA ALA A 895 -44.68 11.92 -15.32
C ALA A 895 -45.20 13.12 -14.52
N SER A 896 -45.59 14.17 -15.22
CA SER A 896 -46.20 15.36 -14.61
C SER A 896 -47.42 15.79 -15.40
N LEU A 897 -48.19 16.73 -14.85
CA LEU A 897 -49.37 17.27 -15.53
C LEU A 897 -49.02 18.06 -16.79
N PHE A 898 -47.76 18.48 -16.92
CA PHE A 898 -47.30 19.21 -18.11
C PHE A 898 -47.21 18.38 -19.38
N ASP A 899 -46.96 17.07 -19.22
CA ASP A 899 -46.94 16.12 -20.33
C ASP A 899 -48.21 16.18 -21.19
N MET A 900 -49.21 16.91 -20.71
CA MET A 900 -50.49 17.06 -21.39
C MET A 900 -50.44 18.16 -22.45
N PHE A 901 -49.29 18.83 -22.56
CA PHE A 901 -49.09 19.90 -23.53
C PHE A 901 -47.97 19.56 -24.50
O5' 3DR B 4 2.91 -8.52 10.47
P 3DR B 4 3.78 -9.99 10.27
OP1 3DR B 4 2.92 -11.58 10.18
OP2 3DR B 4 5.58 -10.06 10.51
C2' 3DR B 4 -0.56 -6.11 12.21
C5' 3DR B 4 1.51 -8.47 10.35
C4' 3DR B 4 0.99 -7.86 11.65
O4' 3DR B 4 1.75 -6.71 11.99
C1' 3DR B 4 0.87 -5.64 12.38
C3' 3DR B 4 -0.46 -7.45 11.51
O3' 3DR B 4 -1.21 -8.44 12.18
N1 DOC C 13 -9.82 2.29 8.36
C2 DOC C 13 -9.32 1.14 8.99
N3 DOC C 13 -8.47 0.34 8.31
C4 DOC C 13 -8.10 0.65 7.05
C5 DOC C 13 -8.59 1.81 6.40
C6 DOC C 13 -9.42 2.61 7.09
O2 DOC C 13 -9.67 0.89 10.14
N4 DOC C 13 -7.26 -0.17 6.43
C1' DOC C 13 -10.76 3.14 9.11
C2' DOC C 13 -10.11 4.12 10.08
C3' DOC C 13 -10.29 5.47 9.41
C4' DOC C 13 -11.55 5.28 8.60
O4' DOC C 13 -11.52 3.90 8.18
C5' DOC C 13 -11.64 6.14 7.37
O5' DOC C 13 -12.99 6.10 6.94
P DOC C 13 -13.45 6.63 5.50
OP1 DOC C 13 -14.60 7.50 5.85
OP2 DOC C 13 -12.35 7.13 4.66
PA TTP D . -6.94 7.38 9.84
O1A TTP D . -6.98 6.90 8.42
O2A TTP D . -7.75 8.59 10.24
O3A TTP D . -5.38 7.59 10.13
PB TTP D . -4.66 8.30 11.36
O1B TTP D . -3.75 7.23 11.94
O2B TTP D . -5.58 9.04 12.30
O3B TTP D . -3.68 9.35 10.63
PG TTP D . -3.98 10.80 10.01
O1G TTP D . -5.46 11.05 10.19
O2G TTP D . -3.02 11.62 10.84
O3G TTP D . -3.55 10.67 8.57
O5' TTP D . -7.30 6.08 10.71
C5' TTP D . -7.75 6.18 12.06
C4' TTP D . -7.23 5.00 12.84
O4' TTP D . -7.67 3.77 12.23
C3' TTP D . -5.70 4.87 12.88
O3' TTP D . -5.07 5.73 13.85
C2' TTP D . -5.59 3.40 13.23
C1' TTP D . -6.73 2.74 12.44
N1 TTP D . -6.16 2.30 11.15
C2 TTP D . -5.49 1.05 11.10
O2 TTP D . -5.41 0.36 12.14
N3 TTP D . -4.93 0.60 9.97
C4 TTP D . -4.98 1.33 8.84
O4 TTP D . -4.45 0.89 7.80
C5 TTP D . -5.68 2.64 8.86
C5M TTP D . -5.77 3.51 7.63
C6 TTP D . -6.24 3.06 10.05
CA CA E . -7.11 10.51 11.64
CA CA F . -10.13 9.43 9.62
CA CA G . -0.05 34.23 -17.04
CA CA H . 8.62 -11.20 -20.83
#